data_8SIQ
#
_entry.id   8SIQ
#
_cell.length_a   60.399
_cell.length_b   77.035
_cell.length_c   266.445
_cell.angle_alpha   90.00
_cell.angle_beta   90.00
_cell.angle_gamma   90.00
#
_symmetry.space_group_name_H-M   'P 21 21 21'
#
loop_
_entity.id
_entity.type
_entity.pdbx_description
1 polymer 'Spike protein S1'
2 polymer 'CC25.36 Fab heavy chain'
3 polymer 'CC25.36 Fab light chain'
4 polymer 'CV38-142 Fab heavy chain'
5 polymer 'CV38-142 Fab light chain'
6 branched beta-D-mannopyranose-(1-4)-2-acetamido-2-deoxy-beta-D-glucopyranose-(1-4)-[alpha-L-fucopyranose-(1-6)]2-acetamido-2-deoxy-beta-D-glucopyranose
#
loop_
_entity_poly.entity_id
_entity_poly.type
_entity_poly.pdbx_seq_one_letter_code
_entity_poly.pdbx_strand_id
1 'polypeptide(L)'
;TNLCPFGEVFNATRFASVYAWNRKRISNCVADYSVLYNSASFSTFKCYGVSPTKLNDLCFTNVYADSFVIRGDEVRQIAP
GQTGKIADYNYKLPDDFTGCVIAWNSNNLDSKVGGNYNYLYRLFRKSNLKPFERDISTEIYQAGSTPCNGVEGFNCYFPL
QSYGFQPTNGVGYQPYRVVVLSFELLHAPATVCGPKKSGHHHHHH
;
A
2 'polypeptide(L)'
;EVQLVESGGGLVQPGGSLRLSCAASGFTFSSRNMNWVRQAPGKGLEWVSYISSSGSIYYADSVKGRFSISRDNVKNSLYL
QMNSLRDEDTAVYYCARGVVGYYDMLTGPPDNWLDAWGQGTLVTVSSASTKGPSVFPLAPSSKSTSGGTAALGCLVKDYF
PEPVTVSWNSGALTSGVHTFPAVLQSSGLYSLSSVVTVPSSSLGTQTYICNVNHKPSNTKVDKRVEPKSC
;
H
3 'polypeptide(L)'
;QSVLTQPPSVSGAPGQRVTISCTGSSSNIGAGYDVHWYQQLPGTAPKLLIYGNSNRPSGVPDRFSGSKSGTSASLAITGL
QAEDEADYYCQSYDSSLSGWVFGGGTKLTVLGQPKAAPSVTLFPPSSEELQANKATLVCLISDFYPGAVTVAWKADSSPV
KAGVETTTPSKQSNNKYAASSYLSLTPEQWKSHRSYSCQVTHEGSTVEKTVAPTECS
;
L
4 'polypeptide(L)'
;EVQLVQSGAEVKKPGESLKISCQGSGYSFTSYWIGWVRQMPGKGLEWMGIIYPGESDTRYSSSFQGHVTISADKSISTAY
LQWSSLKASDTAMYYCARIRGVYSSGWIGGDYWGQGTLVTVSSASTKGPSVFPLAPSSKSTSGGTAALGCLVKDYFPEPV
TVSWNSGALTSGVHTFPAVLQSSGLYSLSSVVTVPSSSLGTQTYICNVNHKPSNTKVDKKVEPKSC
;
M
5 'polypeptide(L)'
;DIQMTQSPSSLSASVGDRVTITCRASQSISSYLNWYQQKPGKAPKLLIYAASSLQSGVPSRFSGSGSGTDFTLTISSLQP
EDFATYYCQQSYSTPRQWTFGQGTKVEIKRTVAAPSVFIFPPSDEQLKSGTASVVCLLNNFYPREAKVQWKVDNALQSGN
SQESVTEQDSKDSTYSLSSTLTLSKADYEKHKVYACEVTHQGLSSPVTKSFNRGECS
;
N
#
loop_
_chem_comp.id
_chem_comp.type
_chem_comp.name
_chem_comp.formula
BMA D-saccharide, beta linking beta-D-mannopyranose 'C6 H12 O6'
FUC L-saccharide, alpha linking alpha-L-fucopyranose 'C6 H12 O5'
NAG D-saccharide, beta linking 2-acetamido-2-deoxy-beta-D-glucopyranose 'C8 H15 N O6'
#
# COMPACT_ATOMS: atom_id res chain seq x y z
N ASN A 2 -10.89 -34.55 5.40
CA ASN A 2 -11.55 -33.67 4.43
C ASN A 2 -11.63 -32.24 4.96
N LEU A 3 -10.48 -31.60 5.07
CA LEU A 3 -10.42 -30.23 5.56
C LEU A 3 -10.99 -29.28 4.51
N CYS A 4 -11.72 -28.26 4.98
CA CYS A 4 -12.37 -27.35 4.05
C CYS A 4 -11.33 -26.57 3.25
N PRO A 5 -11.58 -26.33 1.96
CA PRO A 5 -10.57 -25.69 1.09
C PRO A 5 -10.59 -24.17 1.19
N PHE A 6 -10.30 -23.66 2.39
CA PHE A 6 -10.27 -22.22 2.56
C PHE A 6 -9.05 -21.60 1.88
N GLY A 7 -7.96 -22.36 1.74
CA GLY A 7 -6.77 -21.83 1.09
C GLY A 7 -7.00 -21.43 -0.35
N GLU A 8 -7.91 -22.12 -1.03
CA GLU A 8 -8.19 -21.79 -2.43
C GLU A 8 -8.79 -20.39 -2.55
N VAL A 9 -9.67 -20.02 -1.61
CA VAL A 9 -10.24 -18.67 -1.64
C VAL A 9 -9.21 -17.65 -1.19
N PHE A 10 -8.49 -17.94 -0.10
CA PHE A 10 -7.63 -16.94 0.51
C PHE A 10 -6.30 -16.79 -0.22
N ASN A 11 -5.74 -17.90 -0.71
CA ASN A 11 -4.44 -17.88 -1.37
C ASN A 11 -4.56 -17.91 -2.90
N ALA A 12 -5.73 -17.56 -3.44
CA ALA A 12 -5.92 -17.58 -4.88
C ALA A 12 -5.04 -16.55 -5.57
N THR A 13 -4.47 -16.96 -6.71
CA THR A 13 -3.60 -16.06 -7.47
C THR A 13 -4.36 -14.86 -8.02
N ARG A 14 -5.58 -15.09 -8.50
CA ARG A 14 -6.39 -14.05 -9.13
C ARG A 14 -7.68 -13.86 -8.34
N PHE A 15 -7.98 -12.61 -8.02
CA PHE A 15 -9.19 -12.25 -7.29
C PHE A 15 -10.15 -11.52 -8.21
N ALA A 16 -11.44 -11.71 -7.98
CA ALA A 16 -12.46 -11.13 -8.84
C ALA A 16 -12.68 -9.64 -8.53
N SER A 17 -13.19 -8.93 -9.52
CA SER A 17 -13.62 -7.55 -9.29
C SER A 17 -14.90 -7.53 -8.46
N VAL A 18 -15.10 -6.44 -7.73
CA VAL A 18 -16.20 -6.39 -6.77
C VAL A 18 -17.56 -6.44 -7.49
N TYR A 19 -17.65 -5.86 -8.69
CA TYR A 19 -18.89 -5.98 -9.45
C TYR A 19 -19.15 -7.42 -9.89
N ALA A 20 -18.10 -8.20 -10.09
CA ALA A 20 -18.21 -9.59 -10.51
C ALA A 20 -17.65 -10.52 -9.44
N TRP A 21 -18.03 -10.27 -8.18
CA TRP A 21 -17.42 -10.94 -7.03
C TRP A 21 -17.63 -12.45 -7.08
N ASN A 22 -16.64 -13.19 -6.54
CA ASN A 22 -16.68 -14.64 -6.60
C ASN A 22 -17.31 -15.23 -5.35
N ARG A 23 -18.14 -16.26 -5.53
CA ARG A 23 -18.70 -17.01 -4.42
C ARG A 23 -18.33 -18.48 -4.57
N LYS A 24 -17.77 -19.07 -3.53
CA LYS A 24 -17.42 -20.48 -3.48
C LYS A 24 -18.18 -21.14 -2.33
N ARG A 25 -18.87 -22.24 -2.63
CA ARG A 25 -19.55 -23.00 -1.60
C ARG A 25 -18.57 -23.94 -0.91
N ILE A 26 -18.60 -23.95 0.41
CA ILE A 26 -17.81 -24.82 1.26
C ILE A 26 -18.79 -25.75 1.97
N SER A 27 -18.60 -27.05 1.74
CA SER A 27 -19.56 -28.08 2.14
C SER A 27 -18.85 -29.42 2.26
N ASN A 28 -19.45 -30.30 3.06
CA ASN A 28 -18.99 -31.69 3.25
C ASN A 28 -17.51 -31.73 3.59
N CYS A 29 -17.12 -30.90 4.56
CA CYS A 29 -15.72 -30.74 4.90
C CYS A 29 -15.62 -30.38 6.38
N VAL A 30 -14.41 -30.57 6.92
CA VAL A 30 -14.09 -30.18 8.28
C VAL A 30 -13.28 -28.89 8.21
N ALA A 31 -13.74 -27.86 8.93
CA ALA A 31 -13.20 -26.52 8.80
C ALA A 31 -12.35 -26.18 10.02
N ASP A 32 -11.07 -25.92 9.80
CA ASP A 32 -10.22 -25.31 10.81
C ASP A 32 -10.18 -23.82 10.53
N TYR A 33 -10.91 -23.06 11.34
CA TYR A 33 -10.85 -21.61 11.32
C TYR A 33 -9.57 -21.11 12.00
N SER A 34 -8.82 -22.03 12.60
CA SER A 34 -7.59 -21.67 13.30
C SER A 34 -6.60 -21.00 12.37
N VAL A 35 -6.42 -21.56 11.17
CA VAL A 35 -5.54 -20.95 10.18
C VAL A 35 -5.84 -19.47 10.04
N LEU A 36 -7.13 -19.12 10.09
CA LEU A 36 -7.51 -17.72 9.98
C LEU A 36 -7.17 -16.95 11.25
N TYR A 37 -7.51 -17.48 12.43
CA TYR A 37 -7.25 -16.65 13.61
C TYR A 37 -5.78 -16.69 14.02
N ASN A 38 -5.06 -17.77 13.71
CA ASN A 38 -3.64 -17.81 14.04
C ASN A 38 -2.85 -16.78 13.25
N SER A 39 -3.30 -16.44 12.05
CA SER A 39 -2.51 -15.60 11.15
C SER A 39 -2.44 -14.17 11.66
N ALA A 40 -1.27 -13.56 11.46
CA ALA A 40 -1.09 -12.12 11.63
C ALA A 40 -1.30 -11.35 10.34
N SER A 41 -1.84 -12.02 9.30
CA SER A 41 -1.85 -11.48 7.95
C SER A 41 -2.91 -10.42 7.72
N PHE A 42 -4.03 -10.48 8.43
CA PHE A 42 -5.24 -9.77 8.04
C PHE A 42 -5.35 -8.42 8.74
N SER A 43 -5.65 -7.38 7.96
CA SER A 43 -5.89 -6.05 8.51
C SER A 43 -7.29 -5.91 9.09
N THR A 44 -8.26 -6.66 8.57
CA THR A 44 -9.62 -6.64 9.11
C THR A 44 -10.10 -8.07 9.30
N PHE A 45 -10.54 -8.40 10.52
CA PHE A 45 -11.18 -9.69 10.81
C PHE A 45 -12.33 -9.39 11.77
N LYS A 46 -13.49 -9.06 11.21
CA LYS A 46 -14.65 -8.64 12.00
C LYS A 46 -15.79 -9.62 11.77
N CYS A 47 -16.27 -10.24 12.85
CA CYS A 47 -17.30 -11.26 12.76
C CYS A 47 -18.60 -10.78 13.42
N TYR A 48 -19.71 -11.06 12.75
CA TYR A 48 -21.05 -10.63 13.14
C TYR A 48 -21.90 -11.85 13.41
N GLY A 49 -22.55 -11.88 14.57
CA GLY A 49 -23.38 -12.99 14.96
C GLY A 49 -22.64 -14.21 15.45
N VAL A 50 -21.31 -14.22 15.33
CA VAL A 50 -20.47 -15.32 15.79
C VAL A 50 -19.18 -14.72 16.31
N SER A 51 -18.61 -15.36 17.32
CA SER A 51 -17.30 -14.89 17.74
C SER A 51 -16.24 -15.39 16.77
N PRO A 52 -15.14 -14.64 16.59
CA PRO A 52 -14.02 -15.19 15.81
C PRO A 52 -13.51 -16.50 16.38
N THR A 53 -13.36 -16.55 17.70
CA THR A 53 -13.16 -17.78 18.43
C THR A 53 -14.51 -18.52 18.53
N LYS A 54 -14.45 -19.81 18.81
CA LYS A 54 -15.61 -20.68 19.04
C LYS A 54 -16.38 -20.99 17.77
N LEU A 55 -15.87 -20.59 16.60
CA LEU A 55 -16.49 -21.02 15.34
C LEU A 55 -16.37 -22.53 15.18
N ASN A 56 -15.25 -23.10 15.63
CA ASN A 56 -15.03 -24.54 15.52
C ASN A 56 -16.07 -25.33 16.32
N ASP A 57 -16.46 -24.82 17.49
CA ASP A 57 -17.40 -25.57 18.29
C ASP A 57 -18.80 -25.57 17.68
N LEU A 58 -19.15 -24.54 16.91
CA LEU A 58 -20.41 -24.54 16.20
C LEU A 58 -20.28 -25.28 14.86
N CYS A 59 -21.42 -25.77 14.36
CA CYS A 59 -21.49 -26.48 13.10
C CYS A 59 -22.48 -25.78 12.17
N PHE A 60 -22.09 -25.61 10.91
CA PHE A 60 -22.85 -24.82 9.95
C PHE A 60 -23.27 -25.68 8.76
N THR A 61 -24.55 -25.58 8.38
CA THR A 61 -25.06 -26.40 7.29
C THR A 61 -24.34 -26.10 5.98
N ASN A 62 -24.09 -24.83 5.70
CA ASN A 62 -23.27 -24.46 4.55
C ASN A 62 -22.44 -23.23 4.88
N VAL A 63 -21.29 -23.12 4.21
CA VAL A 63 -20.43 -21.95 4.31
C VAL A 63 -20.24 -21.39 2.90
N TYR A 64 -20.29 -20.07 2.77
CA TYR A 64 -20.05 -19.41 1.49
C TYR A 64 -18.88 -18.45 1.66
N ALA A 65 -17.93 -18.50 0.73
CA ALA A 65 -16.79 -17.60 0.75
C ALA A 65 -16.87 -16.68 -0.47
N ASP A 66 -16.98 -15.38 -0.21
CA ASP A 66 -17.10 -14.38 -1.27
C ASP A 66 -15.81 -13.56 -1.31
N SER A 67 -15.16 -13.58 -2.46
CA SER A 67 -13.84 -12.96 -2.62
C SER A 67 -13.91 -11.85 -3.66
N PHE A 68 -13.26 -10.73 -3.33
CA PHE A 68 -13.11 -9.61 -4.26
C PHE A 68 -11.92 -8.75 -3.81
N VAL A 69 -11.56 -7.80 -4.67
CA VAL A 69 -10.51 -6.83 -4.40
C VAL A 69 -11.12 -5.44 -4.44
N ILE A 70 -10.88 -4.65 -3.40
CA ILE A 70 -11.35 -3.27 -3.31
C ILE A 70 -10.25 -2.42 -2.69
N ARG A 71 -10.37 -1.11 -2.80
CA ARG A 71 -9.41 -0.26 -2.12
C ARG A 71 -9.70 -0.24 -0.61
N GLY A 72 -8.65 0.06 0.16
CA GLY A 72 -8.67 -0.24 1.58
C GLY A 72 -9.77 0.48 2.34
N ASP A 73 -9.94 1.77 2.08
CA ASP A 73 -10.99 2.53 2.78
C ASP A 73 -12.35 1.89 2.58
N GLU A 74 -12.60 1.36 1.38
CA GLU A 74 -13.89 0.77 1.06
C GLU A 74 -14.15 -0.54 1.81
N VAL A 75 -13.15 -1.07 2.53
CA VAL A 75 -13.44 -2.19 3.42
C VAL A 75 -14.45 -1.78 4.48
N ARG A 76 -14.50 -0.49 4.81
CA ARG A 76 -15.50 -0.01 5.75
C ARG A 76 -16.91 -0.12 5.18
N GLN A 77 -17.04 -0.18 3.85
CA GLN A 77 -18.34 -0.35 3.23
C GLN A 77 -18.84 -1.79 3.35
N ILE A 78 -17.94 -2.76 3.46
CA ILE A 78 -18.34 -4.17 3.51
C ILE A 78 -18.63 -4.48 4.97
N ALA A 79 -19.83 -4.09 5.40
CA ALA A 79 -20.33 -4.33 6.75
C ALA A 79 -21.84 -4.29 6.69
N PRO A 80 -22.53 -4.98 7.60
CA PRO A 80 -24.00 -4.89 7.61
C PRO A 80 -24.46 -3.47 7.90
N GLY A 81 -25.41 -2.99 7.09
CA GLY A 81 -26.03 -1.70 7.32
C GLY A 81 -25.29 -0.49 6.79
N GLN A 82 -24.11 -0.67 6.20
CA GLN A 82 -23.37 0.46 5.68
C GLN A 82 -23.85 0.81 4.27
N THR A 83 -23.61 2.07 3.88
CA THR A 83 -24.05 2.57 2.59
C THR A 83 -22.87 3.18 1.84
N GLY A 84 -22.98 3.17 0.52
CA GLY A 84 -21.92 3.67 -0.33
C GLY A 84 -21.94 2.92 -1.66
N LYS A 85 -21.03 3.33 -2.54
CA LYS A 85 -21.02 2.79 -3.90
C LYS A 85 -20.81 1.28 -3.90
N ILE A 86 -19.85 0.79 -3.10
CA ILE A 86 -19.55 -0.63 -3.10
C ILE A 86 -20.68 -1.43 -2.46
N ALA A 87 -21.18 -0.95 -1.32
CA ALA A 87 -22.27 -1.66 -0.64
C ALA A 87 -23.56 -1.59 -1.43
N ASP A 88 -23.85 -0.43 -2.02
CA ASP A 88 -25.12 -0.22 -2.70
C ASP A 88 -25.15 -0.84 -4.09
N TYR A 89 -24.03 -0.86 -4.81
CA TYR A 89 -24.03 -1.27 -6.20
C TYR A 89 -23.11 -2.45 -6.52
N ASN A 90 -22.27 -2.90 -5.59
CA ASN A 90 -21.36 -4.01 -5.89
C ASN A 90 -21.58 -5.24 -5.02
N TYR A 91 -21.44 -5.13 -3.70
CA TYR A 91 -21.61 -6.27 -2.80
C TYR A 91 -22.37 -5.78 -1.58
N LYS A 92 -23.52 -6.40 -1.31
CA LYS A 92 -24.39 -6.00 -0.21
C LYS A 92 -24.43 -7.11 0.82
N LEU A 93 -24.18 -6.75 2.08
CA LEU A 93 -24.24 -7.71 3.16
C LEU A 93 -25.58 -7.62 3.88
N PRO A 94 -26.18 -8.76 4.21
CA PRO A 94 -27.50 -8.73 4.85
C PRO A 94 -27.45 -8.05 6.21
N ASP A 95 -28.55 -7.38 6.56
CA ASP A 95 -28.67 -6.82 7.90
C ASP A 95 -28.56 -7.91 8.96
N ASP A 96 -29.17 -9.06 8.70
CA ASP A 96 -29.08 -10.24 9.57
C ASP A 96 -27.91 -11.11 9.09
N PHE A 97 -26.70 -10.57 9.22
CA PHE A 97 -25.51 -11.23 8.71
C PHE A 97 -24.82 -11.99 9.83
N THR A 98 -24.67 -13.30 9.64
CA THR A 98 -23.88 -14.15 10.52
C THR A 98 -22.69 -14.64 9.72
N GLY A 99 -21.51 -14.13 10.02
CA GLY A 99 -20.32 -14.46 9.26
C GLY A 99 -19.21 -13.48 9.57
N CYS A 100 -18.12 -13.61 8.82
CA CYS A 100 -16.92 -12.82 9.09
C CYS A 100 -16.47 -12.08 7.84
N VAL A 101 -15.90 -10.90 8.05
CA VAL A 101 -15.31 -10.10 6.97
C VAL A 101 -13.82 -9.99 7.25
N ILE A 102 -13.02 -10.41 6.26
CA ILE A 102 -11.57 -10.50 6.41
C ILE A 102 -10.94 -9.79 5.22
N ALA A 103 -9.91 -8.98 5.51
CA ALA A 103 -9.26 -8.19 4.47
C ALA A 103 -7.79 -8.01 4.80
N TRP A 104 -6.96 -8.01 3.75
CA TRP A 104 -5.53 -7.79 3.88
C TRP A 104 -5.01 -6.98 2.71
N ASN A 105 -3.97 -6.19 2.95
CA ASN A 105 -3.38 -5.38 1.89
C ASN A 105 -2.70 -6.26 0.85
N SER A 106 -2.86 -5.90 -0.43
CA SER A 106 -2.40 -6.72 -1.54
C SER A 106 -1.55 -5.92 -2.52
N ASN A 107 -0.88 -4.88 -2.04
CA ASN A 107 -0.24 -3.92 -2.96
C ASN A 107 0.85 -4.58 -3.80
N ASN A 108 1.70 -5.41 -3.19
CA ASN A 108 2.75 -6.04 -3.97
C ASN A 108 2.18 -7.08 -4.93
N LEU A 109 1.04 -7.66 -4.60
CA LEU A 109 0.44 -8.67 -5.46
C LEU A 109 -0.37 -8.04 -6.60
N ASP A 110 -1.13 -6.98 -6.31
CA ASP A 110 -2.11 -6.46 -7.26
C ASP A 110 -1.81 -5.05 -7.76
N SER A 111 -0.62 -4.52 -7.51
CA SER A 111 -0.24 -3.20 -8.02
C SER A 111 0.99 -3.33 -8.91
N LYS A 112 1.04 -2.48 -9.93
CA LYS A 112 2.12 -2.43 -10.89
C LYS A 112 2.45 -0.99 -11.21
N VAL A 113 3.70 -0.76 -11.64
CA VAL A 113 4.06 0.57 -12.13
C VAL A 113 3.28 0.85 -13.41
N GLY A 114 2.76 2.07 -13.52
CA GLY A 114 1.82 2.40 -14.55
C GLY A 114 0.38 2.06 -14.22
N GLY A 115 0.15 1.39 -13.10
CA GLY A 115 -1.20 1.11 -12.62
C GLY A 115 -1.75 -0.21 -13.13
N ASN A 116 -2.52 -0.86 -12.27
CA ASN A 116 -3.33 -2.02 -12.65
C ASN A 116 -4.77 -1.56 -12.75
N TYR A 117 -5.34 -1.67 -13.94
CA TYR A 117 -6.71 -1.23 -14.20
C TYR A 117 -7.66 -2.39 -14.44
N ASN A 118 -7.23 -3.61 -14.08
CA ASN A 118 -8.06 -4.80 -14.29
C ASN A 118 -9.18 -4.93 -13.27
N TYR A 119 -8.99 -4.39 -12.05
CA TYR A 119 -10.03 -4.44 -11.04
C TYR A 119 -11.01 -3.28 -11.23
N LEU A 120 -12.30 -3.56 -11.11
CA LEU A 120 -13.34 -2.62 -11.52
C LEU A 120 -14.46 -2.54 -10.49
N TYR A 121 -15.19 -1.42 -10.53
CA TYR A 121 -16.32 -1.16 -9.64
C TYR A 121 -17.42 -0.46 -10.42
N ARG A 122 -18.64 -0.54 -9.88
CA ARG A 122 -19.82 0.07 -10.50
C ARG A 122 -20.15 1.38 -9.80
N LEU A 123 -20.10 2.48 -10.54
CA LEU A 123 -20.35 3.79 -9.94
C LEU A 123 -21.84 4.08 -9.80
N PHE A 124 -22.66 3.64 -10.76
CA PHE A 124 -24.07 4.00 -10.79
C PHE A 124 -24.94 2.78 -11.01
N ARG A 125 -26.13 2.79 -10.40
CA ARG A 125 -27.16 1.81 -10.67
C ARG A 125 -28.52 2.45 -10.41
N LYS A 126 -29.54 1.94 -11.11
CA LYS A 126 -30.88 2.49 -10.95
C LYS A 126 -31.43 2.23 -9.55
N SER A 127 -31.14 1.06 -8.99
CA SER A 127 -31.60 0.68 -7.66
C SER A 127 -30.44 0.11 -6.86
N ASN A 128 -30.56 0.20 -5.54
CA ASN A 128 -29.54 -0.38 -4.67
C ASN A 128 -29.68 -1.89 -4.62
N LEU A 129 -28.54 -2.57 -4.51
CA LEU A 129 -28.50 -4.01 -4.71
C LEU A 129 -29.14 -4.74 -3.54
N LYS A 130 -29.84 -5.84 -3.84
CA LYS A 130 -30.31 -6.75 -2.83
C LYS A 130 -29.12 -7.45 -2.18
N PRO A 131 -29.27 -7.93 -0.94
CA PRO A 131 -28.16 -8.63 -0.29
C PRO A 131 -27.73 -9.86 -1.09
N PHE A 132 -26.41 -10.02 -1.26
CA PHE A 132 -25.83 -11.14 -2.00
C PHE A 132 -26.31 -11.19 -3.44
N GLU A 133 -26.40 -10.02 -4.08
CA GLU A 133 -26.81 -9.93 -5.47
C GLU A 133 -25.68 -9.36 -6.32
N ARG A 134 -25.58 -9.85 -7.55
CA ARG A 134 -24.50 -9.48 -8.46
C ARG A 134 -25.07 -8.91 -9.75
N ASP A 135 -24.45 -7.83 -10.21
CA ASP A 135 -24.78 -7.21 -11.50
C ASP A 135 -23.51 -7.11 -12.33
N ILE A 136 -23.50 -7.76 -13.49
CA ILE A 136 -22.37 -7.72 -14.41
C ILE A 136 -22.73 -6.95 -15.69
N SER A 137 -23.77 -6.13 -15.63
CA SER A 137 -24.26 -5.42 -16.80
C SER A 137 -23.31 -4.29 -17.21
N THR A 138 -23.35 -3.96 -18.51
CA THR A 138 -22.55 -2.89 -19.08
C THR A 138 -23.40 -1.79 -19.71
N GLU A 139 -24.68 -1.73 -19.36
CA GLU A 139 -25.60 -0.77 -19.98
C GLU A 139 -25.34 0.66 -19.49
N ILE A 140 -25.52 1.61 -20.40
CA ILE A 140 -25.34 3.03 -20.06
C ILE A 140 -26.45 3.48 -19.14
N TYR A 141 -26.10 4.35 -18.18
CA TYR A 141 -27.00 4.78 -17.12
C TYR A 141 -27.56 6.16 -17.42
N GLN A 142 -28.88 6.28 -17.39
CA GLN A 142 -29.55 7.57 -17.59
C GLN A 142 -29.68 8.27 -16.25
N ALA A 143 -28.78 9.22 -16.01
CA ALA A 143 -28.88 10.10 -14.84
C ALA A 143 -29.66 11.38 -15.14
N GLY A 144 -30.11 11.57 -16.38
CA GLY A 144 -30.82 12.77 -16.78
C GLY A 144 -32.12 12.44 -17.47
N SER A 145 -32.83 13.51 -17.85
CA SER A 145 -34.16 13.34 -18.44
C SER A 145 -34.08 12.82 -19.88
N THR A 146 -33.08 13.26 -20.64
CA THR A 146 -32.99 12.86 -22.05
C THR A 146 -32.33 11.49 -22.17
N PRO A 147 -32.87 10.61 -23.00
CA PRO A 147 -32.31 9.26 -23.14
C PRO A 147 -30.93 9.26 -23.76
N CYS A 148 -30.15 8.24 -23.38
CA CYS A 148 -28.76 8.13 -23.82
C CYS A 148 -28.66 7.69 -25.27
N ASN A 149 -29.54 6.77 -25.68
CA ASN A 149 -29.57 6.26 -27.05
C ASN A 149 -28.23 5.62 -27.45
N GLY A 150 -27.61 4.94 -26.48
CA GLY A 150 -26.40 4.17 -26.74
C GLY A 150 -25.11 4.96 -26.74
N VAL A 151 -25.14 6.23 -26.37
CA VAL A 151 -23.97 7.11 -26.44
C VAL A 151 -23.70 7.68 -25.04
N GLU A 152 -22.44 7.63 -24.62
CA GLU A 152 -22.05 8.26 -23.38
C GLU A 152 -21.98 9.77 -23.55
N GLY A 153 -22.21 10.48 -22.45
CA GLY A 153 -22.25 11.93 -22.49
C GLY A 153 -22.58 12.50 -21.14
N PHE A 154 -23.11 13.72 -21.13
CA PHE A 154 -23.56 14.31 -19.88
C PHE A 154 -24.79 13.58 -19.38
N ASN A 155 -24.76 13.16 -18.12
CA ASN A 155 -25.82 12.42 -17.45
C ASN A 155 -26.11 11.08 -18.13
N CYS A 156 -25.22 10.63 -19.00
CA CYS A 156 -25.28 9.30 -19.61
C CYS A 156 -23.89 8.71 -19.50
N TYR A 157 -23.73 7.66 -18.69
CA TYR A 157 -22.43 7.20 -18.27
C TYR A 157 -22.31 5.68 -18.41
N PHE A 158 -21.09 5.23 -18.69
CA PHE A 158 -20.78 3.81 -18.61
C PHE A 158 -20.84 3.37 -17.15
N PRO A 159 -21.43 2.20 -16.87
CA PRO A 159 -21.64 1.81 -15.46
C PRO A 159 -20.37 1.53 -14.69
N LEU A 160 -19.30 1.08 -15.35
CA LEU A 160 -18.14 0.53 -14.65
C LEU A 160 -16.92 1.42 -14.84
N GLN A 161 -16.07 1.46 -13.81
CA GLN A 161 -14.81 2.17 -13.85
C GLN A 161 -13.73 1.31 -13.20
N SER A 162 -12.48 1.64 -13.54
CA SER A 162 -11.32 0.87 -13.09
C SER A 162 -10.68 1.56 -11.89
N TYR A 163 -10.42 0.79 -10.84
CA TYR A 163 -9.46 1.23 -9.84
C TYR A 163 -8.10 1.38 -10.50
N GLY A 164 -7.37 2.42 -10.14
CA GLY A 164 -5.99 2.54 -10.55
C GLY A 164 -5.08 2.22 -9.38
N PHE A 165 -4.49 1.03 -9.37
CA PHE A 165 -3.71 0.56 -8.25
C PHE A 165 -2.22 0.72 -8.53
N GLN A 166 -1.57 1.59 -7.76
CA GLN A 166 -0.17 1.90 -7.92
C GLN A 166 0.55 1.70 -6.59
N PRO A 167 1.79 1.22 -6.60
CA PRO A 167 2.54 1.10 -5.34
C PRO A 167 2.69 2.42 -4.63
N THR A 168 2.81 3.52 -5.38
CA THR A 168 2.94 4.84 -4.80
C THR A 168 1.67 5.30 -4.09
N ASN A 169 0.54 4.66 -4.35
CA ASN A 169 -0.73 5.07 -3.77
C ASN A 169 -0.75 4.87 -2.26
N GLY A 170 -1.55 5.68 -1.58
CA GLY A 170 -1.75 5.49 -0.16
C GLY A 170 -2.58 4.25 0.15
N VAL A 171 -2.45 3.78 1.40
CA VAL A 171 -3.01 2.49 1.78
C VAL A 171 -4.52 2.46 1.58
N GLY A 172 -5.20 3.58 1.87
CA GLY A 172 -6.64 3.63 1.66
C GLY A 172 -7.01 3.43 0.20
N TYR A 173 -6.20 3.96 -0.72
CA TYR A 173 -6.39 3.74 -2.14
C TYR A 173 -5.57 2.58 -2.67
N GLN A 174 -4.81 1.89 -1.81
CA GLN A 174 -4.08 0.70 -2.20
C GLN A 174 -5.00 -0.51 -2.29
N PRO A 175 -4.63 -1.52 -3.07
CA PRO A 175 -5.50 -2.70 -3.21
C PRO A 175 -5.54 -3.52 -1.92
N TYR A 176 -6.73 -4.03 -1.62
CA TYR A 176 -6.99 -4.89 -0.47
C TYR A 176 -7.85 -6.05 -0.93
N ARG A 177 -7.52 -7.23 -0.43
CA ARG A 177 -8.22 -8.47 -0.79
C ARG A 177 -9.15 -8.84 0.35
N VAL A 178 -10.41 -9.11 0.00
CA VAL A 178 -11.50 -9.29 0.95
C VAL A 178 -12.15 -10.64 0.71
N VAL A 179 -12.28 -11.40 1.79
CA VAL A 179 -13.08 -12.63 1.86
C VAL A 179 -14.16 -12.45 2.91
N VAL A 180 -15.40 -12.68 2.52
CA VAL A 180 -16.55 -12.64 3.42
C VAL A 180 -17.06 -14.07 3.56
N LEU A 181 -17.12 -14.54 4.80
CA LEU A 181 -17.56 -15.90 5.11
C LEU A 181 -18.98 -15.82 5.65
N SER A 182 -19.88 -16.55 4.99
CA SER A 182 -21.29 -16.62 5.35
C SER A 182 -21.57 -18.00 5.92
N PHE A 183 -22.11 -18.04 7.14
CA PHE A 183 -22.46 -19.27 7.82
C PHE A 183 -23.97 -19.35 7.89
N GLU A 184 -24.56 -20.42 7.34
CA GLU A 184 -26.01 -20.48 7.28
C GLU A 184 -26.57 -21.62 8.12
N LEU A 185 -27.69 -21.35 8.78
CA LEU A 185 -28.46 -22.35 9.52
C LEU A 185 -29.76 -22.61 8.76
N LEU A 186 -29.98 -23.87 8.39
CA LEU A 186 -31.20 -24.30 7.73
C LEU A 186 -31.57 -25.67 8.27
N HIS A 187 -32.75 -26.15 7.88
CA HIS A 187 -33.28 -27.42 8.37
C HIS A 187 -32.69 -28.57 7.56
N ALA A 188 -31.39 -28.78 7.75
CA ALA A 188 -30.66 -29.79 6.99
C ALA A 188 -29.56 -30.35 7.87
N PRO A 189 -29.09 -31.56 7.58
CA PRO A 189 -27.86 -32.03 8.23
C PRO A 189 -26.69 -31.13 7.86
N ALA A 190 -25.78 -30.95 8.81
CA ALA A 190 -24.72 -29.95 8.68
C ALA A 190 -23.53 -30.53 7.92
N THR A 191 -23.28 -30.01 6.72
CA THR A 191 -22.13 -30.47 5.94
C THR A 191 -20.83 -29.99 6.56
N VAL A 192 -20.78 -28.73 6.99
CA VAL A 192 -19.54 -28.13 7.48
C VAL A 192 -19.60 -28.07 9.01
N CYS A 193 -18.59 -28.65 9.64
CA CYS A 193 -18.51 -28.72 11.08
C CYS A 193 -17.12 -28.28 11.52
N GLY A 194 -17.05 -27.58 12.65
CA GLY A 194 -15.78 -27.31 13.25
C GLY A 194 -15.17 -28.59 13.79
N PRO A 195 -13.84 -28.66 13.86
CA PRO A 195 -13.20 -29.93 14.22
C PRO A 195 -13.57 -30.42 15.60
N LYS A 196 -13.76 -29.52 16.56
CA LYS A 196 -14.08 -29.93 17.92
C LYS A 196 -15.42 -30.65 17.98
N LYS A 197 -16.42 -30.13 17.27
CA LYS A 197 -17.72 -30.79 17.18
C LYS A 197 -18.21 -30.83 15.73
N GLU B 1 -38.60 5.55 8.57
CA GLU B 1 -37.17 5.83 8.58
C GLU B 1 -36.66 5.99 10.00
N VAL B 2 -35.35 6.20 10.15
CA VAL B 2 -34.74 6.25 11.48
C VAL B 2 -35.20 7.50 12.21
N GLN B 3 -35.68 7.32 13.43
CA GLN B 3 -36.04 8.41 14.32
C GLN B 3 -35.34 8.25 15.65
N LEU B 4 -34.63 9.30 16.07
CA LEU B 4 -33.96 9.35 17.37
C LEU B 4 -34.46 10.57 18.11
N VAL B 5 -35.05 10.37 19.29
CA VAL B 5 -35.66 11.44 20.05
C VAL B 5 -34.97 11.56 21.39
N GLU B 6 -34.54 12.77 21.74
CA GLU B 6 -33.86 13.03 23.00
C GLU B 6 -34.75 13.86 23.91
N SER B 7 -34.72 13.54 25.20
CA SER B 7 -35.61 14.15 26.19
C SER B 7 -34.89 14.19 27.53
N GLY B 8 -35.41 15.02 28.43
CA GLY B 8 -34.86 15.14 29.76
C GLY B 8 -33.93 16.30 29.97
N GLY B 9 -33.75 17.17 28.97
CA GLY B 9 -32.94 18.34 29.16
C GLY B 9 -33.70 19.48 29.83
N GLY B 10 -32.94 20.39 30.40
CA GLY B 10 -33.53 21.56 31.04
C GLY B 10 -32.47 22.47 31.59
N LEU B 11 -32.92 23.55 32.19
CA LEU B 11 -32.03 24.43 32.94
C LEU B 11 -31.96 23.92 34.37
N VAL B 12 -30.74 23.59 34.81
CA VAL B 12 -30.52 23.02 36.13
C VAL B 12 -29.34 23.73 36.78
N GLN B 13 -29.28 23.65 38.10
CA GLN B 13 -28.22 24.32 38.85
C GLN B 13 -26.94 23.48 38.88
N PRO B 14 -25.79 24.11 39.04
CA PRO B 14 -24.54 23.35 39.18
C PRO B 14 -24.57 22.47 40.40
N GLY B 15 -23.98 21.28 40.27
CA GLY B 15 -24.12 20.26 41.27
C GLY B 15 -25.40 19.47 41.19
N GLY B 16 -26.27 19.79 40.23
CA GLY B 16 -27.49 19.03 40.05
C GLY B 16 -27.29 17.79 39.21
N SER B 17 -28.36 17.02 39.09
CA SER B 17 -28.37 15.79 38.33
C SER B 17 -29.60 15.74 37.44
N LEU B 18 -29.51 15.02 36.33
CA LEU B 18 -30.65 14.85 35.44
C LEU B 18 -30.39 13.64 34.55
N ARG B 19 -31.47 13.10 34.00
CA ARG B 19 -31.41 11.93 33.13
C ARG B 19 -31.92 12.28 31.75
N LEU B 20 -31.12 11.98 30.74
CA LEU B 20 -31.47 12.16 29.33
C LEU B 20 -31.86 10.82 28.74
N SER B 21 -32.93 10.79 27.97
CA SER B 21 -33.44 9.58 27.35
C SER B 21 -33.53 9.77 25.84
N CYS B 22 -33.11 8.74 25.10
CA CYS B 22 -33.19 8.70 23.65
C CYS B 22 -34.05 7.52 23.25
N ALA B 23 -35.13 7.80 22.53
CA ALA B 23 -36.03 6.77 22.02
C ALA B 23 -35.72 6.55 20.54
N ALA B 24 -35.56 5.29 20.16
CA ALA B 24 -35.10 4.90 18.85
C ALA B 24 -36.21 4.16 18.10
N SER B 25 -36.41 4.52 16.84
CA SER B 25 -37.38 3.86 15.99
C SER B 25 -36.84 3.80 14.57
N GLY B 26 -37.39 2.87 13.79
CA GLY B 26 -37.00 2.72 12.40
C GLY B 26 -35.75 1.90 12.16
N PHE B 27 -35.14 1.33 13.20
CA PHE B 27 -33.96 0.49 13.01
C PHE B 27 -33.87 -0.51 14.15
N THR B 28 -33.03 -1.52 13.96
CA THR B 28 -32.82 -2.55 14.97
C THR B 28 -31.80 -2.03 15.98
N PHE B 29 -32.31 -1.57 17.12
CA PHE B 29 -31.51 -0.85 18.10
C PHE B 29 -30.48 -1.76 18.76
N SER B 30 -30.83 -3.02 18.99
CA SER B 30 -29.93 -3.93 19.70
C SER B 30 -28.64 -4.15 18.93
N SER B 31 -28.72 -4.21 17.60
CA SER B 31 -27.54 -4.52 16.80
C SER B 31 -26.59 -3.33 16.69
N ARG B 32 -27.10 -2.12 16.82
CA ARG B 32 -26.27 -0.92 16.63
C ARG B 32 -25.61 -0.51 17.94
N ASN B 33 -24.33 -0.14 17.84
CA ASN B 33 -23.69 0.59 18.93
C ASN B 33 -24.18 2.02 18.95
N MET B 34 -24.24 2.60 20.15
CA MET B 34 -24.85 3.91 20.34
C MET B 34 -23.90 4.84 21.09
N ASN B 35 -24.04 6.14 20.84
CA ASN B 35 -23.14 7.14 21.38
C ASN B 35 -23.90 8.37 21.84
N TRP B 36 -23.27 9.11 22.76
CA TRP B 36 -23.74 10.42 23.21
C TRP B 36 -22.68 11.45 22.86
N VAL B 37 -23.08 12.51 22.16
CA VAL B 37 -22.18 13.57 21.73
C VAL B 37 -22.84 14.91 22.06
N ARG B 38 -22.04 15.84 22.60
CA ARG B 38 -22.54 17.12 23.05
C ARG B 38 -21.87 18.27 22.31
N GLN B 39 -22.64 19.34 22.10
CA GLN B 39 -22.16 20.55 21.43
C GLN B 39 -22.55 21.76 22.28
N ALA B 40 -21.55 22.43 22.85
CA ALA B 40 -21.80 23.64 23.61
C ALA B 40 -22.28 24.76 22.68
N PRO B 41 -23.04 25.73 23.20
CA PRO B 41 -23.62 26.76 22.33
C PRO B 41 -22.56 27.56 21.61
N GLY B 42 -22.70 27.66 20.29
CA GLY B 42 -21.70 28.33 19.46
C GLY B 42 -20.34 27.68 19.53
N LYS B 43 -20.29 26.35 19.66
CA LYS B 43 -19.04 25.63 19.87
C LYS B 43 -19.09 24.32 19.10
N GLY B 44 -17.99 23.56 19.17
CA GLY B 44 -17.85 22.34 18.40
C GLY B 44 -18.35 21.09 19.12
N LEU B 45 -18.38 20.00 18.36
CA LEU B 45 -18.88 18.73 18.88
C LEU B 45 -17.85 18.08 19.82
N GLU B 46 -18.36 17.41 20.86
CA GLU B 46 -17.53 16.65 21.77
C GLU B 46 -18.19 15.31 22.06
N TRP B 47 -17.43 14.23 21.95
CA TRP B 47 -17.95 12.90 22.25
C TRP B 47 -17.94 12.65 23.75
N VAL B 48 -19.03 12.13 24.28
CA VAL B 48 -19.20 11.93 25.71
C VAL B 48 -19.14 10.45 26.09
N SER B 49 -19.96 9.62 25.45
CA SER B 49 -20.06 8.22 25.86
C SER B 49 -20.37 7.34 24.65
N TYR B 50 -19.99 6.07 24.78
CA TYR B 50 -20.23 5.05 23.77
C TYR B 50 -20.72 3.79 24.46
N ILE B 51 -21.75 3.17 23.90
CA ILE B 51 -22.22 1.86 24.36
C ILE B 51 -22.29 0.92 23.17
N SER B 52 -21.67 -0.24 23.31
CA SER B 52 -21.67 -1.24 22.26
C SER B 52 -22.95 -2.06 22.30
N SER B 53 -23.15 -2.86 21.24
CA SER B 53 -24.19 -3.88 21.29
C SER B 53 -23.90 -4.88 22.42
N SER B 54 -22.62 -5.17 22.64
CA SER B 54 -22.21 -6.08 23.70
C SER B 54 -22.32 -5.45 25.08
N GLY B 55 -22.31 -4.13 25.17
CA GLY B 55 -22.31 -3.44 26.45
C GLY B 55 -20.97 -2.87 26.87
N SER B 56 -19.95 -2.95 26.02
CA SER B 56 -18.70 -2.25 26.28
C SER B 56 -18.95 -0.76 26.33
N ILE B 57 -18.40 -0.10 27.34
CA ILE B 57 -18.67 1.31 27.60
C ILE B 57 -17.35 2.06 27.65
N TYR B 58 -17.29 3.17 26.92
CA TYR B 58 -16.16 4.10 26.99
C TYR B 58 -16.69 5.49 27.28
N TYR B 59 -16.01 6.21 28.18
CA TYR B 59 -16.38 7.55 28.58
C TYR B 59 -15.25 8.52 28.28
N ALA B 60 -15.60 9.78 28.00
CA ALA B 60 -14.61 10.84 27.96
C ALA B 60 -14.13 11.15 29.38
N ASP B 61 -12.86 11.56 29.47
CA ASP B 61 -12.28 11.85 30.78
C ASP B 61 -13.00 12.99 31.49
N SER B 62 -13.51 13.96 30.73
CA SER B 62 -14.20 15.09 31.33
C SER B 62 -15.47 14.66 32.07
N VAL B 63 -16.15 13.62 31.58
CA VAL B 63 -17.42 13.20 32.13
C VAL B 63 -17.30 12.00 33.08
N LYS B 64 -16.09 11.46 33.24
CA LYS B 64 -15.93 10.26 34.05
C LYS B 64 -16.23 10.52 35.52
N GLY B 65 -16.96 9.59 36.14
CA GLY B 65 -17.36 9.71 37.53
C GLY B 65 -18.62 10.52 37.75
N ARG B 66 -19.15 11.15 36.71
CA ARG B 66 -20.34 11.98 36.81
C ARG B 66 -21.44 11.58 35.85
N PHE B 67 -21.11 10.93 34.74
CA PHE B 67 -22.07 10.55 33.71
C PHE B 67 -22.03 9.04 33.51
N SER B 68 -23.20 8.44 33.30
CA SER B 68 -23.30 7.00 33.05
C SER B 68 -24.22 6.75 31.85
N ILE B 69 -23.91 5.70 31.10
CA ILE B 69 -24.67 5.36 29.90
C ILE B 69 -25.35 4.01 30.11
N SER B 70 -26.59 3.89 29.62
CA SER B 70 -27.38 2.69 29.78
C SER B 70 -28.22 2.49 28.52
N ARG B 71 -28.65 1.25 28.29
CA ARG B 71 -29.51 0.93 27.17
C ARG B 71 -30.55 -0.09 27.60
N ASP B 72 -31.77 0.08 27.10
CA ASP B 72 -32.85 -0.90 27.27
C ASP B 72 -33.30 -1.32 25.88
N ASN B 73 -33.02 -2.57 25.51
CA ASN B 73 -33.34 -3.04 24.18
C ASN B 73 -34.83 -3.32 24.01
N VAL B 74 -35.54 -3.66 25.08
CA VAL B 74 -36.98 -3.85 25.00
C VAL B 74 -37.68 -2.53 24.71
N LYS B 75 -37.28 -1.46 25.40
CA LYS B 75 -37.84 -0.13 25.16
C LYS B 75 -37.12 0.61 24.05
N ASN B 76 -36.07 0.01 23.47
CA ASN B 76 -35.34 0.60 22.35
C ASN B 76 -34.81 1.99 22.69
N SER B 77 -34.24 2.14 23.89
CA SER B 77 -33.89 3.45 24.40
C SER B 77 -32.48 3.47 24.96
N LEU B 78 -31.88 4.65 24.87
CA LEU B 78 -30.56 4.96 25.42
C LEU B 78 -30.72 5.98 26.53
N TYR B 79 -29.93 5.87 27.59
CA TYR B 79 -30.06 6.77 28.72
C TYR B 79 -28.69 7.28 29.12
N LEU B 80 -28.61 8.57 29.44
CA LEU B 80 -27.42 9.18 30.00
C LEU B 80 -27.79 9.85 31.31
N GLN B 81 -27.20 9.36 32.41
CA GLN B 81 -27.43 9.91 33.73
C GLN B 81 -26.28 10.86 34.06
N MET B 82 -26.62 12.07 34.48
CA MET B 82 -25.66 13.15 34.67
C MET B 82 -25.74 13.60 36.12
N ASN B 83 -24.60 13.55 36.81
CA ASN B 83 -24.52 13.94 38.20
C ASN B 83 -23.35 14.92 38.37
N SER B 84 -23.41 15.71 39.45
CA SER B 84 -22.43 16.74 39.73
C SER B 84 -22.22 17.63 38.49
N LEU B 85 -23.33 18.20 38.04
CA LEU B 85 -23.31 19.00 36.82
C LEU B 85 -22.52 20.28 37.01
N ARG B 86 -21.82 20.70 35.96
CA ARG B 86 -21.01 21.91 35.96
C ARG B 86 -21.45 22.82 34.83
N ASP B 87 -21.03 24.09 34.91
CA ASP B 87 -21.35 25.04 33.86
C ASP B 87 -20.77 24.62 32.51
N GLU B 88 -19.60 23.97 32.53
CA GLU B 88 -19.00 23.47 31.30
C GLU B 88 -19.84 22.37 30.66
N ASP B 89 -20.63 21.65 31.47
CA ASP B 89 -21.52 20.62 30.94
C ASP B 89 -22.67 21.20 30.13
N THR B 90 -22.90 22.51 30.21
CA THR B 90 -23.96 23.14 29.43
C THR B 90 -23.71 22.96 27.94
N ALA B 91 -24.64 22.31 27.25
CA ALA B 91 -24.49 21.99 25.84
C ALA B 91 -25.82 21.42 25.33
N VAL B 92 -25.87 21.20 24.03
CA VAL B 92 -26.93 20.44 23.39
C VAL B 92 -26.41 19.02 23.20
N TYR B 93 -27.12 18.05 23.76
CA TYR B 93 -26.68 16.66 23.75
C TYR B 93 -27.41 15.89 22.66
N TYR B 94 -26.66 15.14 21.85
CA TYR B 94 -27.19 14.47 20.67
C TYR B 94 -27.11 12.97 20.85
N CYS B 95 -28.21 12.28 20.54
CA CYS B 95 -28.20 10.83 20.40
C CYS B 95 -27.60 10.46 19.04
N ALA B 96 -26.64 9.54 19.04
CA ALA B 96 -25.92 9.19 17.82
C ALA B 96 -25.88 7.68 17.65
N ARG B 97 -26.16 7.22 16.44
CA ARG B 97 -26.12 5.79 16.12
C ARG B 97 -24.77 5.45 15.50
N GLY B 98 -24.12 4.42 16.02
CA GLY B 98 -22.87 3.94 15.50
C GLY B 98 -23.05 2.80 14.54
N VAL B 99 -21.95 2.08 14.29
CA VAL B 99 -21.98 0.96 13.35
C VAL B 99 -22.67 -0.24 13.98
N VAL B 100 -23.02 -1.21 13.12
CA VAL B 100 -23.58 -2.47 13.61
C VAL B 100 -22.52 -3.19 14.43
N GLY B 101 -22.92 -3.66 15.61
CA GLY B 101 -21.96 -4.25 16.52
C GLY B 101 -21.34 -5.52 15.97
N TYR B 102 -20.06 -5.73 16.28
CA TYR B 102 -19.29 -6.84 15.75
C TYR B 102 -18.30 -7.32 16.80
N TYR B 103 -17.85 -8.57 16.63
CA TYR B 103 -16.76 -9.12 17.40
C TYR B 103 -15.49 -9.08 16.54
N ASP B 104 -14.44 -8.47 17.08
CA ASP B 104 -13.20 -8.24 16.34
C ASP B 104 -12.10 -9.11 16.93
N MET B 105 -11.58 -10.04 16.11
CA MET B 105 -10.39 -10.78 16.51
C MET B 105 -9.19 -9.88 16.65
N LEU B 106 -9.10 -8.85 15.81
CA LEU B 106 -7.98 -7.93 15.82
C LEU B 106 -8.11 -6.91 16.93
N THR B 107 -6.97 -6.37 17.35
CA THR B 107 -6.95 -5.33 18.36
C THR B 107 -7.41 -4.00 17.75
N GLY B 108 -7.73 -3.05 18.63
CA GLY B 108 -7.97 -1.70 18.19
C GLY B 108 -9.32 -1.14 18.57
N PRO B 109 -9.51 0.16 18.34
CA PRO B 109 -10.75 0.81 18.75
C PRO B 109 -11.90 0.34 17.89
N PRO B 110 -13.12 0.37 18.44
CA PRO B 110 -14.30 0.06 17.60
C PRO B 110 -14.56 1.13 16.55
N ASP B 111 -15.15 0.71 15.44
CA ASP B 111 -15.60 1.65 14.41
C ASP B 111 -16.76 2.47 14.96
N ASN B 112 -16.60 3.80 14.99
CA ASN B 112 -17.65 4.69 15.48
C ASN B 112 -17.77 5.89 14.55
N TRP B 113 -18.54 5.73 13.47
CA TRP B 113 -18.95 6.85 12.64
C TRP B 113 -20.45 7.00 12.75
N LEU B 114 -20.90 8.22 13.00
CA LEU B 114 -22.25 8.50 13.47
C LEU B 114 -23.12 8.92 12.27
N ASP B 115 -23.82 7.93 11.71
CA ASP B 115 -24.68 8.18 10.55
C ASP B 115 -25.99 8.84 10.96
N ALA B 116 -26.54 8.47 12.11
CA ALA B 116 -27.85 8.94 12.55
C ALA B 116 -27.69 9.82 13.78
N TRP B 117 -28.29 11.01 13.72
CA TRP B 117 -28.24 11.98 14.81
C TRP B 117 -29.64 12.44 15.16
N GLY B 118 -29.92 12.55 16.46
CA GLY B 118 -31.16 13.14 16.91
C GLY B 118 -31.13 14.65 16.85
N GLN B 119 -32.32 15.26 17.04
CA GLN B 119 -32.39 16.72 17.03
C GLN B 119 -31.72 17.32 18.26
N GLY B 120 -31.72 16.60 19.38
CA GLY B 120 -30.93 16.99 20.54
C GLY B 120 -31.77 17.61 21.64
N THR B 121 -31.24 17.54 22.86
CA THR B 121 -31.81 18.21 24.02
C THR B 121 -30.78 19.16 24.61
N LEU B 122 -31.19 20.40 24.84
CA LEU B 122 -30.30 21.38 25.44
C LEU B 122 -30.32 21.24 26.95
N VAL B 123 -29.13 21.16 27.55
CA VAL B 123 -28.97 21.16 28.99
C VAL B 123 -28.18 22.40 29.37
N THR B 124 -28.76 23.23 30.22
CA THR B 124 -28.14 24.47 30.67
C THR B 124 -27.91 24.39 32.17
N VAL B 125 -26.66 24.60 32.58
CA VAL B 125 -26.28 24.61 33.98
C VAL B 125 -25.81 26.00 34.34
N SER B 126 -26.51 26.64 35.27
CA SER B 126 -26.16 28.00 35.67
C SER B 126 -26.52 28.20 37.14
N SER B 127 -25.70 29.00 37.82
CA SER B 127 -25.94 29.40 39.20
C SER B 127 -26.82 30.64 39.29
N ALA B 128 -27.30 31.15 38.15
CA ALA B 128 -28.00 32.42 38.11
C ALA B 128 -29.40 32.33 38.69
N SER B 129 -29.88 33.46 39.17
CA SER B 129 -31.26 33.64 39.63
C SER B 129 -31.90 34.76 38.84
N THR B 130 -33.23 34.77 38.83
CA THR B 130 -33.95 35.78 38.05
C THR B 130 -33.57 37.18 38.51
N LYS B 131 -33.22 38.03 37.55
CA LYS B 131 -32.83 39.40 37.83
C LYS B 131 -33.47 40.32 36.81
N GLY B 132 -34.02 41.43 37.28
CA GLY B 132 -34.60 42.43 36.42
C GLY B 132 -33.55 43.04 35.51
N PRO B 133 -33.91 43.30 34.26
CA PRO B 133 -32.96 43.97 33.37
C PRO B 133 -32.66 45.37 33.86
N SER B 134 -31.39 45.74 33.83
CA SER B 134 -30.97 47.09 34.13
C SER B 134 -30.68 47.79 32.81
N VAL B 135 -31.44 48.84 32.51
CA VAL B 135 -31.45 49.45 31.20
C VAL B 135 -30.74 50.79 31.26
N PHE B 136 -29.76 50.97 30.37
CA PHE B 136 -29.04 52.24 30.24
C PHE B 136 -28.93 52.56 28.75
N PRO B 137 -29.49 53.67 28.29
CA PRO B 137 -29.45 53.98 26.86
C PRO B 137 -28.07 54.45 26.41
N LEU B 138 -27.82 54.30 25.12
CA LEU B 138 -26.57 54.71 24.49
C LEU B 138 -26.86 55.90 23.58
N ALA B 139 -26.31 57.07 23.95
CA ALA B 139 -26.66 58.34 23.32
C ALA B 139 -25.98 58.51 21.97
N PRO B 140 -26.58 59.28 21.06
CA PRO B 140 -26.01 59.45 19.72
C PRO B 140 -24.77 60.33 19.72
N SER B 141 -23.87 60.04 18.80
CA SER B 141 -22.67 60.83 18.54
C SER B 141 -21.96 60.34 17.28
N THR B 149 -27.18 60.64 9.13
CA THR B 149 -27.69 59.55 9.95
C THR B 149 -26.94 59.44 11.27
N ALA B 150 -27.67 59.15 12.34
CA ALA B 150 -27.10 58.94 13.66
C ALA B 150 -27.65 57.65 14.24
N ALA B 151 -26.88 57.05 15.15
CA ALA B 151 -27.22 55.75 15.73
C ALA B 151 -27.56 55.94 17.21
N LEU B 152 -28.74 55.49 17.60
CA LEU B 152 -29.22 55.58 18.97
C LEU B 152 -29.69 54.21 19.43
N GLY B 153 -29.51 53.93 20.72
CA GLY B 153 -29.82 52.59 21.19
C GLY B 153 -30.06 52.47 22.68
N CYS B 154 -30.49 51.26 23.07
CA CYS B 154 -30.81 50.93 24.45
C CYS B 154 -30.03 49.68 24.86
N LEU B 155 -29.52 49.68 26.10
CA LEU B 155 -28.68 48.61 26.61
C LEU B 155 -29.27 48.04 27.90
N VAL B 156 -29.26 46.71 28.00
CA VAL B 156 -29.73 46.00 29.18
C VAL B 156 -28.56 45.20 29.75
N LYS B 157 -28.37 45.28 31.07
CA LYS B 157 -27.22 44.67 31.72
C LYS B 157 -27.64 43.75 32.86
N ASP B 158 -26.94 42.62 32.98
CA ASP B 158 -27.04 41.73 34.13
C ASP B 158 -28.47 41.24 34.36
N TYR B 159 -29.10 40.73 33.32
CA TYR B 159 -30.47 40.23 33.40
C TYR B 159 -30.50 38.73 33.19
N PHE B 160 -31.34 38.05 33.96
CA PHE B 160 -31.60 36.63 33.85
C PHE B 160 -33.09 36.39 34.06
N PRO B 161 -33.74 35.56 33.23
CA PRO B 161 -33.17 34.96 32.02
C PRO B 161 -33.77 35.54 30.74
N GLU B 162 -33.18 35.23 29.60
CA GLU B 162 -33.85 35.48 28.34
C GLU B 162 -35.12 34.61 28.29
N PRO B 163 -36.17 35.04 27.55
CA PRO B 163 -36.36 36.16 26.61
C PRO B 163 -36.62 37.55 27.20
N VAL B 164 -36.10 38.58 26.52
CA VAL B 164 -36.46 39.97 26.75
C VAL B 164 -36.87 40.58 25.42
N THR B 165 -37.86 41.47 25.46
CA THR B 165 -38.43 42.09 24.27
C THR B 165 -38.16 43.59 24.30
N VAL B 166 -37.68 44.13 23.19
CA VAL B 166 -37.38 45.56 23.07
C VAL B 166 -38.19 46.12 21.91
N SER B 167 -38.89 47.23 22.17
CA SER B 167 -39.69 47.93 21.17
C SER B 167 -39.32 49.40 21.19
N TRP B 168 -39.55 50.08 20.07
CA TRP B 168 -39.11 51.47 19.89
C TRP B 168 -40.28 52.39 19.63
N ASN B 169 -40.39 53.45 20.43
CA ASN B 169 -41.41 54.48 20.28
C ASN B 169 -42.80 53.88 20.20
N SER B 170 -43.08 52.94 21.11
CA SER B 170 -44.27 52.12 21.18
C SER B 170 -44.38 51.14 20.01
N GLY B 171 -43.29 50.89 19.29
CA GLY B 171 -43.29 49.95 18.21
C GLY B 171 -43.65 50.52 16.85
N ALA B 172 -43.96 51.81 16.77
CA ALA B 172 -44.24 52.42 15.47
C ALA B 172 -43.01 52.43 14.58
N LEU B 173 -41.83 52.63 15.17
CA LEU B 173 -40.58 52.65 14.42
C LEU B 173 -40.11 51.22 14.22
N THR B 174 -40.29 50.69 13.02
CA THR B 174 -39.78 49.38 12.64
C THR B 174 -38.47 49.47 11.85
N SER B 175 -38.41 50.38 10.88
CA SER B 175 -37.23 50.50 10.04
C SER B 175 -36.06 51.11 10.79
N GLY B 176 -34.86 50.62 10.49
CA GLY B 176 -33.64 51.19 11.03
C GLY B 176 -33.25 50.72 12.40
N VAL B 177 -34.01 49.83 13.02
CA VAL B 177 -33.77 49.38 14.39
C VAL B 177 -33.23 47.96 14.34
N HIS B 178 -32.08 47.75 14.98
CA HIS B 178 -31.43 46.45 15.07
C HIS B 178 -31.30 46.05 16.53
N THR B 179 -31.82 44.88 16.87
CA THR B 179 -31.65 44.32 18.22
C THR B 179 -30.43 43.41 18.19
N PHE B 180 -29.38 43.83 18.88
CA PHE B 180 -28.11 43.12 18.82
C PHE B 180 -28.09 41.93 19.77
N PRO B 181 -27.22 40.94 19.53
CA PRO B 181 -27.33 39.67 20.27
C PRO B 181 -27.04 39.86 21.75
N ALA B 182 -27.71 39.03 22.56
CA ALA B 182 -27.38 39.00 23.99
C ALA B 182 -26.04 38.30 24.21
N VAL B 183 -25.36 38.69 25.29
CA VAL B 183 -24.09 38.11 25.70
C VAL B 183 -24.27 37.41 27.04
N LEU B 184 -23.70 36.22 27.18
CA LEU B 184 -23.67 35.53 28.46
C LEU B 184 -22.34 35.83 29.16
N GLN B 185 -22.43 36.31 30.40
CA GLN B 185 -21.27 36.61 31.20
C GLN B 185 -20.94 35.44 32.13
N SER B 186 -19.75 35.50 32.73
CA SER B 186 -19.34 34.46 33.67
C SER B 186 -20.36 34.30 34.79
N SER B 187 -21.01 35.40 35.18
CA SER B 187 -22.06 35.35 36.19
C SER B 187 -23.26 34.51 35.75
N GLY B 188 -23.46 34.33 34.44
CA GLY B 188 -24.69 33.79 33.92
C GLY B 188 -25.73 34.82 33.58
N LEU B 189 -25.42 36.11 33.79
CA LEU B 189 -26.30 37.19 33.42
C LEU B 189 -26.12 37.54 31.93
N TYR B 190 -27.18 38.10 31.35
CA TYR B 190 -27.22 38.38 29.93
C TYR B 190 -27.24 39.88 29.68
N SER B 191 -26.57 40.32 28.61
CA SER B 191 -26.53 41.72 28.23
C SER B 191 -26.85 41.85 26.74
N LEU B 192 -27.76 42.78 26.41
CA LEU B 192 -28.20 42.99 25.03
C LEU B 192 -28.23 44.49 24.74
N SER B 193 -28.09 44.82 23.46
CA SER B 193 -28.27 46.19 22.98
C SER B 193 -29.16 46.19 21.75
N SER B 194 -29.94 47.25 21.60
CA SER B 194 -30.77 47.48 20.42
C SER B 194 -30.44 48.85 19.86
N VAL B 195 -30.10 48.92 18.57
CA VAL B 195 -29.61 50.14 17.94
C VAL B 195 -30.52 50.52 16.79
N VAL B 196 -30.92 51.78 16.73
CA VAL B 196 -31.79 52.30 15.69
C VAL B 196 -31.04 53.36 14.90
N THR B 197 -31.10 53.26 13.57
CA THR B 197 -30.45 54.21 12.67
C THR B 197 -31.51 55.00 11.92
N VAL B 198 -31.41 56.32 12.00
CA VAL B 198 -32.42 57.23 11.45
C VAL B 198 -31.75 58.58 11.19
N PRO B 199 -32.34 59.47 10.39
CA PRO B 199 -31.64 60.72 10.04
C PRO B 199 -31.33 61.57 11.27
N SER B 200 -30.18 62.25 11.21
CA SER B 200 -29.84 63.23 12.24
C SER B 200 -30.81 64.41 12.20
N SER B 201 -31.27 64.79 11.01
CA SER B 201 -32.33 65.79 10.92
C SER B 201 -33.58 65.33 11.67
N SER B 202 -33.87 64.03 11.63
CA SER B 202 -34.95 63.50 12.44
C SER B 202 -34.63 63.59 13.93
N LEU B 203 -33.36 63.38 14.29
CA LEU B 203 -32.98 63.38 15.70
C LEU B 203 -33.30 64.72 16.36
N GLY B 204 -33.07 65.82 15.65
CA GLY B 204 -33.40 67.12 16.20
C GLY B 204 -34.88 67.32 16.44
N THR B 205 -35.73 66.67 15.65
CA THR B 205 -37.17 66.92 15.69
C THR B 205 -38.00 65.75 16.15
N GLN B 206 -37.43 64.56 16.33
CA GLN B 206 -38.19 63.36 16.65
C GLN B 206 -37.68 62.73 17.93
N THR B 207 -38.59 62.48 18.87
CA THR B 207 -38.24 61.81 20.11
C THR B 207 -38.21 60.29 19.90
N TYR B 208 -37.30 59.62 20.61
CA TYR B 208 -37.18 58.18 20.57
C TYR B 208 -37.26 57.62 21.99
N ILE B 209 -38.21 56.73 22.21
CA ILE B 209 -38.37 56.04 23.49
C ILE B 209 -38.40 54.54 23.22
N CYS B 210 -37.59 53.79 23.94
CA CYS B 210 -37.51 52.35 23.77
C CYS B 210 -38.20 51.66 24.94
N ASN B 211 -39.01 50.65 24.62
CA ASN B 211 -39.77 49.88 25.60
C ASN B 211 -39.16 48.48 25.68
N VAL B 212 -38.69 48.11 26.87
CA VAL B 212 -38.08 46.81 27.11
C VAL B 212 -38.90 46.08 28.17
N ASN B 213 -39.28 44.84 27.86
CA ASN B 213 -40.12 44.03 28.74
C ASN B 213 -39.42 42.72 29.08
N HIS B 214 -39.38 42.40 30.37
CA HIS B 214 -38.83 41.15 30.88
C HIS B 214 -39.94 40.44 31.65
N LYS B 215 -40.57 39.45 31.01
CA LYS B 215 -41.74 38.80 31.60
C LYS B 215 -41.41 38.04 32.88
N PRO B 216 -40.37 37.21 32.97
CA PRO B 216 -40.04 36.60 34.26
C PRO B 216 -39.79 37.61 35.37
N SER B 217 -39.10 38.71 35.06
CA SER B 217 -38.91 39.75 36.06
C SER B 217 -40.19 40.53 36.30
N ASN B 218 -41.10 40.53 35.31
CA ASN B 218 -42.32 41.31 35.36
C ASN B 218 -42.01 42.79 35.57
N THR B 219 -40.92 43.24 34.95
CA THR B 219 -40.52 44.65 34.95
C THR B 219 -40.62 45.15 33.51
N LYS B 220 -41.41 46.21 33.32
CA LYS B 220 -41.54 46.86 32.03
C LYS B 220 -41.05 48.30 32.17
N VAL B 221 -40.07 48.67 31.34
CA VAL B 221 -39.40 49.95 31.46
C VAL B 221 -39.38 50.64 30.10
N ASP B 222 -39.47 51.97 30.14
CA ASP B 222 -39.40 52.81 28.95
C ASP B 222 -38.25 53.80 29.12
N LYS B 223 -37.37 53.84 28.11
CA LYS B 223 -36.17 54.66 28.17
C LYS B 223 -36.14 55.63 27.00
N ARG B 224 -35.78 56.88 27.28
CA ARG B 224 -35.70 57.94 26.28
C ARG B 224 -34.25 58.24 25.97
N VAL B 225 -33.89 58.21 24.68
CA VAL B 225 -32.53 58.45 24.22
C VAL B 225 -32.52 59.79 23.49
N GLU B 226 -31.64 60.68 23.92
CA GLU B 226 -31.56 62.03 23.39
C GLU B 226 -30.10 62.44 23.28
N PRO B 227 -29.77 63.38 22.39
CA PRO B 227 -28.41 63.90 22.26
C PRO B 227 -28.13 65.05 23.23
N GLN C 1 -8.28 24.62 22.70
CA GLN C 1 -7.25 23.62 22.41
C GLN C 1 -7.88 22.29 22.01
N SER C 2 -7.88 22.00 20.72
CA SER C 2 -8.46 20.78 20.18
C SER C 2 -7.35 19.90 19.60
N VAL C 3 -7.46 18.59 19.86
CA VAL C 3 -6.44 17.66 19.39
C VAL C 3 -6.36 17.67 17.87
N LEU C 4 -7.51 17.76 17.22
CA LEU C 4 -7.58 17.93 15.77
C LEU C 4 -7.90 19.39 15.48
N THR C 5 -7.05 20.03 14.69
CA THR C 5 -7.15 21.46 14.43
C THR C 5 -7.62 21.69 12.99
N GLN C 6 -8.66 22.52 12.85
CA GLN C 6 -9.31 22.86 11.59
C GLN C 6 -9.22 24.35 11.33
N PRO C 7 -9.20 24.78 10.07
CA PRO C 7 -9.34 26.21 9.78
C PRO C 7 -10.68 26.71 10.25
N PRO C 8 -10.75 27.90 10.84
CA PRO C 8 -12.02 28.39 11.35
C PRO C 8 -13.05 28.73 10.28
N SER C 9 -12.62 29.43 9.22
CA SER C 9 -13.54 29.89 8.19
C SER C 9 -12.95 29.67 6.81
N VAL C 10 -13.81 29.31 5.86
CA VAL C 10 -13.43 29.15 4.45
C VAL C 10 -14.52 29.77 3.60
N SER C 11 -14.12 30.42 2.51
CA SER C 11 -15.05 31.15 1.65
C SER C 11 -14.81 30.79 0.18
N GLY C 12 -15.91 30.60 -0.54
CA GLY C 12 -15.86 30.40 -1.98
C GLY C 12 -17.18 30.72 -2.66
N ALA C 13 -17.15 31.37 -3.81
CA ALA C 13 -18.34 31.64 -4.61
C ALA C 13 -18.77 30.38 -5.37
N PRO C 14 -19.99 30.37 -5.89
CA PRO C 14 -20.52 29.12 -6.46
C PRO C 14 -19.69 28.59 -7.63
N GLY C 15 -19.54 27.27 -7.66
CA GLY C 15 -18.79 26.60 -8.70
C GLY C 15 -17.31 26.45 -8.43
N GLN C 16 -16.78 27.07 -7.37
CA GLN C 16 -15.38 26.91 -7.05
C GLN C 16 -15.13 25.67 -6.20
N ARG C 17 -13.87 25.33 -6.05
CA ARG C 17 -13.44 24.23 -5.20
C ARG C 17 -12.69 24.77 -3.99
N VAL C 18 -13.06 24.28 -2.81
CA VAL C 18 -12.45 24.68 -1.56
C VAL C 18 -12.02 23.43 -0.80
N THR C 19 -11.02 23.58 0.05
CA THR C 19 -10.46 22.49 0.83
C THR C 19 -10.48 22.83 2.31
N ILE C 20 -10.89 21.86 3.13
CA ILE C 20 -10.91 21.98 4.58
C ILE C 20 -9.95 20.95 5.16
N SER C 21 -9.09 21.40 6.07
CA SER C 21 -7.98 20.59 6.56
C SER C 21 -8.18 20.22 8.04
N CYS C 22 -7.84 18.98 8.38
CA CYS C 22 -7.85 18.51 9.76
C CYS C 22 -6.43 18.10 10.12
N THR C 23 -5.77 18.92 10.93
CA THR C 23 -4.41 18.61 11.38
C THR C 23 -4.45 17.65 12.56
N GLY C 24 -3.38 16.88 12.72
CA GLY C 24 -3.40 15.76 13.64
C GLY C 24 -2.11 15.64 14.44
N SER C 25 -2.07 14.58 15.25
CA SER C 25 -0.96 14.28 16.15
C SER C 25 -0.60 12.80 15.99
N SER C 26 0.56 12.44 16.53
CA SER C 26 0.99 11.04 16.48
C SER C 26 -0.05 10.13 17.13
N SER C 27 -0.84 10.67 18.05
CA SER C 27 -1.85 9.85 18.73
C SER C 27 -3.05 9.55 17.84
N ASN C 28 -3.53 10.54 17.09
CA ASN C 28 -4.77 10.30 16.34
C ASN C 28 -4.59 9.95 14.87
N ILE C 29 -4.25 10.94 14.03
CA ILE C 29 -4.03 10.72 12.61
C ILE C 29 -2.53 10.65 12.39
N GLY C 30 -2.09 9.71 11.58
CA GLY C 30 -0.70 9.35 11.56
C GLY C 30 -0.36 8.17 12.44
N ALA C 31 -1.28 7.76 13.31
CA ALA C 31 -1.30 6.43 13.88
C ALA C 31 -2.12 5.48 13.03
N GLY C 32 -2.66 5.95 11.91
CA GLY C 32 -3.49 5.16 11.04
C GLY C 32 -4.97 5.20 11.36
N TYR C 33 -5.38 5.88 12.42
CA TYR C 33 -6.78 5.89 12.82
C TYR C 33 -7.61 6.68 11.82
N ASP C 34 -8.81 6.17 11.55
CA ASP C 34 -9.65 6.71 10.49
C ASP C 34 -10.17 8.10 10.83
N VAL C 35 -10.44 8.89 9.79
CA VAL C 35 -10.96 10.24 9.92
C VAL C 35 -12.33 10.30 9.27
N HIS C 36 -13.30 10.85 9.99
CA HIS C 36 -14.67 10.98 9.51
C HIS C 36 -15.03 12.46 9.46
N TRP C 37 -15.82 12.84 8.46
CA TRP C 37 -16.15 14.24 8.20
C TRP C 37 -17.65 14.43 8.30
N TYR C 38 -18.07 15.48 9.01
CA TYR C 38 -19.48 15.78 9.25
C TYR C 38 -19.81 17.19 8.80
N GLN C 39 -20.99 17.36 8.22
CA GLN C 39 -21.51 18.66 7.82
C GLN C 39 -22.73 19.00 8.66
N GLN C 40 -22.78 20.22 9.17
CA GLN C 40 -23.90 20.68 9.98
C GLN C 40 -24.43 21.99 9.43
N LEU C 41 -25.64 21.95 8.88
CA LEU C 41 -26.33 23.17 8.51
C LEU C 41 -26.79 23.89 9.77
N PRO C 42 -26.86 25.22 9.75
CA PRO C 42 -27.18 25.97 10.98
C PRO C 42 -28.54 25.58 11.54
N GLY C 43 -28.59 25.41 12.86
CA GLY C 43 -29.81 25.01 13.52
C GLY C 43 -30.19 23.55 13.36
N THR C 44 -29.28 22.71 12.87
CA THR C 44 -29.57 21.32 12.56
C THR C 44 -28.56 20.40 13.24
N ALA C 45 -28.91 19.13 13.31
CA ALA C 45 -28.01 18.12 13.84
C ALA C 45 -26.92 17.80 12.82
N PRO C 46 -25.74 17.36 13.29
CA PRO C 46 -24.66 17.03 12.34
C PRO C 46 -25.01 15.86 11.45
N LYS C 47 -24.44 15.89 10.23
CA LYS C 47 -24.71 14.89 9.20
C LYS C 47 -23.38 14.36 8.66
N LEU C 48 -23.33 13.06 8.39
CA LEU C 48 -22.10 12.39 8.00
C LEU C 48 -21.89 12.51 6.49
N LEU C 49 -20.79 13.14 6.10
CA LEU C 49 -20.44 13.33 4.69
C LEU C 49 -19.36 12.37 4.19
N ILE C 50 -18.37 12.07 5.02
CA ILE C 50 -17.28 11.15 4.66
C ILE C 50 -17.00 10.24 5.85
N TYR C 51 -16.90 8.94 5.59
CA TYR C 51 -16.51 7.97 6.60
C TYR C 51 -15.46 7.03 6.02
N GLY C 52 -14.59 6.51 6.90
CA GLY C 52 -13.48 5.70 6.46
C GLY C 52 -12.46 6.45 5.63
N ASN C 53 -12.28 7.74 5.91
CA ASN C 53 -11.33 8.69 5.32
C ASN C 53 -11.68 9.08 3.89
N SER C 54 -12.44 8.26 3.18
CA SER C 54 -12.74 8.54 1.78
C SER C 54 -14.14 8.15 1.35
N ASN C 55 -14.79 7.21 2.02
CA ASN C 55 -16.06 6.69 1.55
C ASN C 55 -17.15 7.74 1.72
N ARG C 56 -18.06 7.78 0.74
CA ARG C 56 -19.16 8.73 0.72
C ARG C 56 -20.46 8.00 0.96
N PRO C 57 -21.22 8.35 2.00
CA PRO C 57 -22.53 7.72 2.20
C PRO C 57 -23.48 8.04 1.06
N SER C 58 -24.50 7.19 0.92
CA SER C 58 -25.48 7.37 -0.13
C SER C 58 -26.23 8.68 0.04
N GLY C 59 -26.53 9.33 -1.07
CA GLY C 59 -27.20 10.62 -1.04
C GLY C 59 -26.28 11.80 -0.80
N VAL C 60 -24.99 11.57 -0.63
CA VAL C 60 -24.01 12.64 -0.45
C VAL C 60 -23.35 12.91 -1.80
N PRO C 61 -23.32 14.16 -2.28
CA PRO C 61 -22.90 14.42 -3.65
C PRO C 61 -21.44 14.02 -3.92
N ASP C 62 -21.19 13.63 -5.17
CA ASP C 62 -19.84 13.23 -5.58
C ASP C 62 -18.82 14.34 -5.40
N ARG C 63 -19.27 15.60 -5.36
CA ARG C 63 -18.34 16.72 -5.26
C ARG C 63 -17.54 16.68 -3.97
N PHE C 64 -18.17 16.25 -2.88
CA PHE C 64 -17.46 16.07 -1.62
C PHE C 64 -16.50 14.89 -1.73
N SER C 65 -15.28 15.07 -1.25
CA SER C 65 -14.25 14.04 -1.38
C SER C 65 -13.36 14.07 -0.14
N GLY C 66 -12.79 12.91 0.18
CA GLY C 66 -11.95 12.78 1.35
C GLY C 66 -10.59 12.17 1.10
N SER C 67 -9.54 12.79 1.64
CA SER C 67 -8.19 12.30 1.50
C SER C 67 -7.39 12.62 2.76
N LYS C 68 -6.33 11.86 2.98
CA LYS C 68 -5.51 11.99 4.18
C LYS C 68 -4.04 11.80 3.84
N SER C 69 -3.20 12.67 4.40
CA SER C 69 -1.75 12.53 4.29
C SER C 69 -1.11 12.84 5.63
N GLY C 70 -0.39 11.86 6.17
CA GLY C 70 0.32 12.04 7.43
C GLY C 70 -0.63 12.39 8.57
N THR C 71 -0.24 13.40 9.36
CA THR C 71 -1.11 13.85 10.44
C THR C 71 -2.36 14.51 9.91
N SER C 72 -2.28 15.15 8.74
CA SER C 72 -3.38 15.94 8.22
C SER C 72 -4.35 15.09 7.42
N ALA C 73 -5.59 15.57 7.34
CA ALA C 73 -6.62 15.02 6.48
C ALA C 73 -7.43 16.18 5.91
N SER C 74 -7.97 15.99 4.71
CA SER C 74 -8.63 17.09 4.02
C SER C 74 -9.93 16.62 3.38
N LEU C 75 -10.90 17.54 3.36
CA LEU C 75 -12.16 17.37 2.66
C LEU C 75 -12.19 18.35 1.49
N ALA C 76 -12.53 17.85 0.31
CA ALA C 76 -12.58 18.67 -0.90
C ALA C 76 -14.03 18.83 -1.35
N ILE C 77 -14.44 20.07 -1.59
CA ILE C 77 -15.76 20.38 -2.11
C ILE C 77 -15.57 21.04 -3.47
N THR C 78 -16.18 20.47 -4.50
CA THR C 78 -16.08 20.96 -5.86
C THR C 78 -17.46 21.34 -6.36
N GLY C 79 -17.50 22.20 -7.38
CA GLY C 79 -18.79 22.63 -7.90
C GLY C 79 -19.65 23.22 -6.80
N LEU C 80 -19.09 24.17 -6.06
CA LEU C 80 -19.70 24.65 -4.83
C LEU C 80 -21.11 25.17 -5.08
N GLN C 81 -22.01 24.90 -4.14
CA GLN C 81 -23.42 25.25 -4.27
C GLN C 81 -23.95 25.78 -2.95
N ALA C 82 -24.99 26.62 -3.06
CA ALA C 82 -25.47 27.36 -1.89
C ALA C 82 -25.85 26.44 -0.74
N GLU C 83 -26.43 25.27 -1.05
CA GLU C 83 -26.79 24.32 -0.02
C GLU C 83 -25.59 23.78 0.72
N ASP C 84 -24.39 23.86 0.12
CA ASP C 84 -23.19 23.32 0.74
C ASP C 84 -22.72 24.14 1.95
N GLU C 85 -23.14 25.41 2.04
CA GLU C 85 -22.72 26.25 3.15
C GLU C 85 -23.16 25.63 4.47
N ALA C 86 -22.18 25.37 5.34
CA ALA C 86 -22.42 24.69 6.61
C ALA C 86 -21.16 24.80 7.45
N ASP C 87 -21.24 24.31 8.68
CA ASP C 87 -20.07 24.11 9.53
C ASP C 87 -19.64 22.66 9.43
N TYR C 88 -18.35 22.45 9.20
CA TYR C 88 -17.82 21.12 8.88
C TYR C 88 -16.86 20.67 9.97
N TYR C 89 -16.97 19.40 10.36
CA TYR C 89 -16.26 18.84 11.50
C TYR C 89 -15.52 17.56 11.08
N CYS C 90 -14.36 17.31 11.71
CA CYS C 90 -13.58 16.10 11.45
C CYS C 90 -13.47 15.28 12.72
N GLN C 91 -13.58 13.96 12.58
CA GLN C 91 -13.57 13.03 13.70
C GLN C 91 -12.48 11.99 13.53
N SER C 92 -11.77 11.69 14.62
CA SER C 92 -10.78 10.62 14.66
C SER C 92 -10.69 10.09 16.08
N TYR C 93 -9.91 9.03 16.26
CA TYR C 93 -9.68 8.41 17.55
C TYR C 93 -8.28 8.72 18.03
N ASP C 94 -8.16 9.10 19.31
CA ASP C 94 -6.88 9.41 19.93
C ASP C 94 -6.54 8.33 20.94
N SER C 95 -5.32 7.77 20.82
CA SER C 95 -4.92 6.67 21.69
C SER C 95 -4.65 7.15 23.11
N SER C 96 -4.04 8.32 23.26
CA SER C 96 -3.78 8.85 24.60
C SER C 96 -5.08 9.13 25.34
N LEU C 97 -6.05 9.74 24.65
CA LEU C 97 -7.32 10.07 25.27
C LEU C 97 -8.19 8.84 25.49
N SER C 98 -7.94 7.77 24.73
CA SER C 98 -8.78 6.57 24.75
C SER C 98 -10.23 6.92 24.40
N GLY C 99 -10.39 7.88 23.50
CA GLY C 99 -11.70 8.30 23.04
C GLY C 99 -11.59 8.96 21.69
N TRP C 100 -12.75 9.14 21.07
CA TRP C 100 -12.82 9.76 19.75
C TRP C 100 -12.78 11.28 19.88
N VAL C 101 -12.09 11.93 18.94
CA VAL C 101 -11.83 13.35 19.01
C VAL C 101 -12.46 14.05 17.81
N PHE C 102 -13.05 15.22 18.06
CA PHE C 102 -13.65 16.07 17.04
C PHE C 102 -12.85 17.35 16.91
N GLY C 103 -12.83 17.90 15.70
CA GLY C 103 -12.18 19.18 15.47
C GLY C 103 -13.03 20.36 15.90
N GLY C 104 -12.37 21.51 16.00
CA GLY C 104 -13.06 22.73 16.37
C GLY C 104 -14.14 23.13 15.37
N GLY C 105 -13.90 22.88 14.10
CA GLY C 105 -14.93 23.11 13.10
C GLY C 105 -14.57 24.25 12.16
N THR C 106 -15.11 24.16 10.95
CA THR C 106 -14.87 25.16 9.91
C THR C 106 -16.20 25.66 9.39
N LYS C 107 -16.31 26.98 9.24
CA LYS C 107 -17.48 27.59 8.63
C LYS C 107 -17.19 27.87 7.16
N LEU C 108 -17.99 27.28 6.28
CA LEU C 108 -17.90 27.51 4.85
C LEU C 108 -19.11 28.30 4.40
N THR C 109 -18.87 29.40 3.69
CA THR C 109 -19.91 30.18 3.05
C THR C 109 -19.70 30.12 1.56
N VAL C 110 -20.71 29.65 0.83
CA VAL C 110 -20.78 29.99 -0.58
C VAL C 110 -20.93 31.50 -0.66
N LEU C 111 -20.08 32.14 -1.47
CA LEU C 111 -19.95 33.58 -1.35
C LEU C 111 -21.27 34.27 -1.65
N GLY C 112 -22.01 33.80 -2.63
CA GLY C 112 -23.36 34.29 -2.90
C GLY C 112 -23.44 35.80 -3.03
N GLN C 113 -24.04 36.45 -2.04
CA GLN C 113 -24.16 37.90 -2.05
C GLN C 113 -22.79 38.55 -1.84
N PRO C 114 -22.63 39.82 -2.24
CA PRO C 114 -21.27 40.39 -2.32
C PRO C 114 -20.58 40.41 -0.97
N LYS C 115 -19.25 40.29 -1.01
CA LYS C 115 -18.45 40.40 0.20
C LYS C 115 -18.65 41.79 0.82
N ALA C 116 -18.77 41.82 2.14
CA ALA C 116 -18.92 43.06 2.87
C ALA C 116 -18.02 43.01 4.11
N ALA C 117 -17.71 44.20 4.63
CA ALA C 117 -16.77 44.33 5.72
C ALA C 117 -17.44 44.91 6.96
N PRO C 118 -16.91 44.64 8.15
CA PRO C 118 -17.59 45.05 9.38
C PRO C 118 -17.71 46.57 9.51
N SER C 119 -18.88 47.00 10.00
CA SER C 119 -19.11 48.38 10.42
C SER C 119 -19.24 48.39 11.93
N VAL C 120 -18.43 49.21 12.58
CA VAL C 120 -18.30 49.22 14.04
C VAL C 120 -18.73 50.58 14.56
N THR C 121 -19.46 50.57 15.67
CA THR C 121 -19.86 51.79 16.38
C THR C 121 -19.64 51.55 17.88
N LEU C 122 -18.44 51.82 18.37
CA LEU C 122 -18.16 51.67 19.79
C LEU C 122 -18.85 52.78 20.58
N PHE C 123 -19.42 52.41 21.73
CA PHE C 123 -20.17 53.33 22.57
C PHE C 123 -19.47 53.53 23.91
N PRO C 124 -19.27 54.77 24.36
CA PRO C 124 -18.74 55.00 25.70
C PRO C 124 -19.81 54.76 26.76
N PRO C 125 -19.42 54.53 28.01
CA PRO C 125 -20.40 54.19 29.04
C PRO C 125 -21.36 55.33 29.33
N SER C 126 -22.59 54.97 29.65
CA SER C 126 -23.63 55.95 29.94
C SER C 126 -23.42 56.57 31.32
N SER C 127 -23.79 57.86 31.42
CA SER C 127 -23.63 58.58 32.68
C SER C 127 -24.51 58.00 33.78
N GLU C 128 -25.74 57.61 33.43
CA GLU C 128 -26.61 56.97 34.42
C GLU C 128 -25.98 55.69 34.94
N GLU C 129 -25.37 54.91 34.05
CA GLU C 129 -24.59 53.76 34.50
C GLU C 129 -23.33 54.20 35.23
N LEU C 130 -22.73 55.32 34.81
CA LEU C 130 -21.65 55.91 35.59
C LEU C 130 -22.16 56.38 36.95
N GLN C 131 -23.34 56.99 36.98
CA GLN C 131 -23.98 57.31 38.24
C GLN C 131 -24.22 56.04 39.06
N ALA C 132 -24.45 54.91 38.39
CA ALA C 132 -24.55 53.64 39.09
C ALA C 132 -23.21 53.16 39.64
N ASN C 133 -22.10 53.74 39.17
CA ASN C 133 -20.71 53.42 39.53
C ASN C 133 -20.21 52.18 38.77
N LYS C 134 -21.00 51.67 37.85
CA LYS C 134 -20.50 50.65 36.92
C LYS C 134 -20.21 51.31 35.57
N ALA C 135 -19.44 50.62 34.74
CA ALA C 135 -19.04 51.14 33.44
C ALA C 135 -19.18 50.05 32.39
N THR C 136 -19.84 50.36 31.27
CA THR C 136 -20.12 49.37 30.22
C THR C 136 -19.75 49.91 28.84
N LEU C 137 -19.03 49.09 28.07
CA LEU C 137 -18.59 49.41 26.72
C LEU C 137 -19.11 48.35 25.75
N VAL C 138 -19.74 48.80 24.67
CA VAL C 138 -20.35 47.90 23.68
C VAL C 138 -19.70 48.14 22.33
N CYS C 139 -19.10 47.09 21.77
CA CYS C 139 -18.59 47.12 20.40
C CYS C 139 -19.61 46.42 19.50
N LEU C 140 -20.22 47.18 18.61
CA LEU C 140 -21.28 46.67 17.75
C LEU C 140 -20.77 46.61 16.31
N ILE C 141 -20.85 45.43 15.73
CA ILE C 141 -20.30 45.13 14.41
C ILE C 141 -21.46 44.71 13.51
N SER C 142 -21.55 45.30 12.33
CA SER C 142 -22.72 45.09 11.47
C SER C 142 -22.32 44.97 10.01
N ASP C 143 -23.11 44.17 9.27
CA ASP C 143 -23.08 44.10 7.81
C ASP C 143 -21.74 43.58 7.26
N PHE C 144 -21.33 42.40 7.75
CA PHE C 144 -20.10 41.75 7.29
C PHE C 144 -20.32 40.32 6.82
N TYR C 145 -19.53 39.95 5.78
CA TYR C 145 -19.58 38.66 5.05
C TYR C 145 -18.20 38.35 4.52
N PRO C 146 -17.58 37.25 5.01
CA PRO C 146 -18.21 36.24 5.83
C PRO C 146 -18.56 36.63 7.22
N GLY C 147 -19.62 36.09 7.76
CA GLY C 147 -19.82 36.51 9.12
C GLY C 147 -18.87 35.81 10.07
N ALA C 148 -17.54 35.92 9.94
CA ALA C 148 -16.62 35.39 10.93
C ALA C 148 -15.61 36.47 11.27
N VAL C 149 -15.50 36.82 12.55
CA VAL C 149 -14.68 37.96 12.97
C VAL C 149 -13.92 37.61 14.24
N THR C 150 -12.79 38.30 14.42
CA THR C 150 -11.98 38.22 15.63
C THR C 150 -11.98 39.59 16.29
N VAL C 151 -12.20 39.62 17.60
CA VAL C 151 -12.35 40.87 18.34
C VAL C 151 -11.25 40.94 19.40
N ALA C 152 -10.48 42.02 19.36
CA ALA C 152 -9.47 42.31 20.38
C ALA C 152 -9.70 43.72 20.90
N TRP C 153 -9.70 43.86 22.23
CA TRP C 153 -10.01 45.12 22.89
C TRP C 153 -8.72 45.81 23.31
N LYS C 154 -8.59 47.10 23.00
CA LYS C 154 -7.38 47.86 23.28
C LYS C 154 -7.69 49.00 24.24
N ALA C 155 -6.96 49.06 25.34
CA ALA C 155 -7.03 50.17 26.30
C ALA C 155 -5.62 50.70 26.51
N ASP C 156 -5.44 52.00 26.27
CA ASP C 156 -4.14 52.66 26.45
C ASP C 156 -3.04 51.94 25.68
N SER C 157 -3.37 51.51 24.46
CA SER C 157 -2.46 50.74 23.62
C SER C 157 -1.99 49.47 24.32
N SER C 158 -2.91 48.79 25.01
CA SER C 158 -2.62 47.55 25.71
C SER C 158 -3.66 46.50 25.37
N PRO C 159 -3.26 45.23 25.32
CA PRO C 159 -4.15 44.18 24.77
C PRO C 159 -5.39 43.88 25.61
N VAL C 160 -5.42 44.26 26.89
CA VAL C 160 -6.47 43.98 27.89
C VAL C 160 -6.16 42.69 28.65
N GLY C 163 -10.61 40.31 31.60
CA GLY C 163 -11.64 39.35 31.27
C GLY C 163 -12.61 39.88 30.23
N VAL C 164 -12.67 39.24 29.07
CA VAL C 164 -13.45 39.72 27.94
C VAL C 164 -14.37 38.60 27.45
N GLU C 165 -15.62 38.96 27.14
CA GLU C 165 -16.60 38.02 26.59
C GLU C 165 -17.25 38.63 25.36
N THR C 166 -17.23 37.87 24.25
CA THR C 166 -17.69 38.35 22.95
C THR C 166 -18.67 37.37 22.32
N THR C 167 -19.67 37.93 21.61
CA THR C 167 -20.77 37.15 21.06
C THR C 167 -20.36 36.36 19.81
N THR C 168 -21.03 35.22 19.62
CA THR C 168 -20.92 34.46 18.38
C THR C 168 -21.54 35.25 17.21
N PRO C 169 -20.98 35.12 16.01
CA PRO C 169 -21.53 35.87 14.87
C PRO C 169 -22.99 35.54 14.63
N SER C 170 -23.76 36.56 14.25
CA SER C 170 -25.21 36.44 14.08
C SER C 170 -25.62 37.03 12.74
N LYS C 171 -26.65 36.44 12.13
CA LYS C 171 -27.09 36.80 10.79
C LYS C 171 -28.27 37.76 10.86
N GLN C 172 -28.12 38.92 10.23
CA GLN C 172 -29.19 39.92 10.20
C GLN C 172 -30.16 39.63 9.06
N SER C 173 -31.22 40.43 8.98
CA SER C 173 -32.24 40.24 7.95
C SER C 173 -31.66 40.40 6.55
N ASN C 174 -30.64 41.26 6.40
CA ASN C 174 -30.00 41.48 5.12
C ASN C 174 -29.34 40.23 4.56
N ASN C 175 -29.07 39.24 5.41
CA ASN C 175 -28.19 38.08 5.23
C ASN C 175 -26.73 38.48 5.43
N LYS C 176 -26.44 39.75 5.69
CA LYS C 176 -25.17 40.11 6.29
C LYS C 176 -25.19 39.73 7.76
N TYR C 177 -24.01 39.69 8.37
CA TYR C 177 -23.90 39.24 9.75
C TYR C 177 -23.61 40.42 10.67
N ALA C 178 -23.96 40.24 11.95
CA ALA C 178 -23.66 41.22 12.99
C ALA C 178 -23.13 40.49 14.22
N ALA C 179 -22.13 41.08 14.85
CA ALA C 179 -21.56 40.56 16.09
C ALA C 179 -21.51 41.67 17.12
N SER C 180 -21.53 41.26 18.39
CA SER C 180 -21.57 42.20 19.50
C SER C 180 -20.51 41.82 20.52
N SER C 181 -19.78 42.82 21.01
CA SER C 181 -18.87 42.63 22.13
C SER C 181 -19.22 43.66 23.19
N TYR C 182 -19.59 43.19 24.38
CA TYR C 182 -19.88 44.05 25.52
C TYR C 182 -18.91 43.64 26.62
N LEU C 183 -17.70 44.20 26.57
CA LEU C 183 -16.79 44.03 27.70
C LEU C 183 -16.67 45.37 28.42
N SER C 184 -16.88 45.30 29.73
CA SER C 184 -17.18 46.46 30.55
C SER C 184 -16.42 46.33 31.86
N LEU C 185 -15.52 47.27 32.14
CA LEU C 185 -14.77 47.30 33.38
C LEU C 185 -15.00 48.63 34.08
N THR C 186 -15.61 48.58 35.27
CA THR C 186 -15.80 49.80 36.06
C THR C 186 -14.50 50.32 36.66
N PRO C 187 -13.65 49.50 37.33
CA PRO C 187 -12.64 50.08 38.23
C PRO C 187 -11.25 50.28 37.64
N GLU C 188 -10.64 51.42 37.99
CA GLU C 188 -9.21 51.72 37.93
C GLU C 188 -8.62 51.76 36.52
N GLN C 189 -9.43 51.61 35.48
CA GLN C 189 -8.86 51.73 34.14
C GLN C 189 -9.62 52.70 33.25
N TRP C 190 -10.94 52.77 33.38
CA TRP C 190 -11.71 53.72 32.56
C TRP C 190 -11.31 55.16 32.88
N LYS C 191 -11.14 55.47 34.17
CA LYS C 191 -10.56 56.76 34.53
C LYS C 191 -9.08 56.81 34.18
N SER C 192 -8.35 55.71 34.44
CA SER C 192 -6.92 55.70 34.18
C SER C 192 -6.62 55.86 32.70
N HIS C 193 -7.43 55.26 31.84
CA HIS C 193 -7.24 55.32 30.40
C HIS C 193 -8.25 56.28 29.79
N ARG C 194 -7.77 57.37 29.21
CA ARG C 194 -8.58 58.25 28.38
C ARG C 194 -8.55 57.82 26.91
N SER C 195 -8.03 56.62 26.63
CA SER C 195 -7.95 56.07 25.28
C SER C 195 -8.44 54.62 25.31
N TYR C 196 -9.31 54.27 24.36
CA TYR C 196 -9.81 52.91 24.25
C TYR C 196 -10.22 52.63 22.81
N SER C 197 -10.15 51.34 22.43
CA SER C 197 -10.49 50.92 21.08
C SER C 197 -10.80 49.44 21.08
N CYS C 198 -11.57 49.03 20.08
CA CYS C 198 -11.96 47.63 19.88
C CYS C 198 -11.62 47.24 18.45
N GLN C 199 -10.93 46.12 18.27
CA GLN C 199 -10.36 45.72 16.99
C GLN C 199 -11.04 44.48 16.45
N VAL C 200 -11.50 44.55 15.21
CA VAL C 200 -12.22 43.47 14.54
C VAL C 200 -11.47 43.09 13.27
N THR C 201 -11.19 41.81 13.09
CA THR C 201 -10.49 41.31 11.91
C THR C 201 -11.43 40.44 11.08
N HIS C 202 -11.51 40.76 9.79
CA HIS C 202 -12.43 40.10 8.87
C HIS C 202 -11.75 40.05 7.50
N GLU C 203 -11.48 38.83 7.04
CA GLU C 203 -10.78 38.61 5.77
C GLU C 203 -9.45 39.37 5.73
N GLY C 204 -8.72 39.34 6.84
CA GLY C 204 -7.44 40.00 6.93
C GLY C 204 -7.50 41.50 7.10
N SER C 205 -8.69 42.06 7.36
CA SER C 205 -8.87 43.50 7.49
C SER C 205 -9.26 43.84 8.91
N THR C 206 -8.60 44.84 9.49
CA THR C 206 -8.90 45.32 10.84
C THR C 206 -9.56 46.69 10.73
N VAL C 207 -10.75 46.81 11.31
CA VAL C 207 -11.48 48.07 11.37
C VAL C 207 -11.54 48.51 12.81
N GLU C 208 -11.26 49.79 13.06
CA GLU C 208 -11.10 50.29 14.42
C GLU C 208 -12.02 51.49 14.65
N LYS C 209 -12.76 51.44 15.76
CA LYS C 209 -13.54 52.55 16.26
C LYS C 209 -13.04 52.89 17.65
N THR C 210 -12.77 54.17 17.90
CA THR C 210 -12.10 54.59 19.12
C THR C 210 -13.00 55.54 19.90
N VAL C 211 -13.20 55.22 21.17
CA VAL C 211 -13.86 56.10 22.12
C VAL C 211 -13.14 55.96 23.46
N ALA C 212 -13.14 57.05 24.23
CA ALA C 212 -12.70 57.06 25.64
C ALA C 212 -12.72 58.45 26.24
N GLU D 1 1.49 -34.51 -17.01
CA GLU D 1 2.59 -33.74 -16.45
C GLU D 1 2.52 -32.30 -16.92
N VAL D 2 3.07 -31.39 -16.11
CA VAL D 2 3.25 -30.00 -16.52
C VAL D 2 4.57 -29.90 -17.27
N GLN D 3 4.50 -29.54 -18.54
CA GLN D 3 5.69 -29.46 -19.38
C GLN D 3 5.75 -28.09 -20.05
N LEU D 4 6.93 -27.45 -19.97
CA LEU D 4 7.22 -26.22 -20.68
C LEU D 4 8.31 -26.53 -21.70
N VAL D 5 7.97 -26.37 -22.98
CA VAL D 5 8.91 -26.67 -24.06
C VAL D 5 9.26 -25.36 -24.74
N GLN D 6 10.54 -25.01 -24.73
CA GLN D 6 11.02 -23.77 -25.32
C GLN D 6 11.49 -23.99 -26.75
N SER D 7 11.58 -22.90 -27.50
CA SER D 7 12.03 -22.96 -28.88
C SER D 7 13.53 -23.24 -28.94
N GLY D 8 13.96 -23.72 -30.11
CA GLY D 8 15.33 -24.13 -30.28
C GLY D 8 16.31 -22.96 -30.24
N ALA D 9 17.59 -23.31 -30.14
CA ALA D 9 18.64 -22.33 -29.94
C ALA D 9 18.71 -21.36 -31.12
N GLU D 10 19.05 -20.11 -30.81
CA GLU D 10 19.04 -19.02 -31.78
C GLU D 10 20.41 -18.37 -31.85
N VAL D 11 20.92 -18.20 -33.06
CA VAL D 11 22.13 -17.43 -33.32
C VAL D 11 21.76 -16.30 -34.29
N LYS D 12 22.07 -15.06 -33.89
CA LYS D 12 21.68 -13.88 -34.64
C LYS D 12 22.82 -12.87 -34.62
N LYS D 13 22.81 -11.98 -35.59
CA LYS D 13 23.80 -10.91 -35.62
C LYS D 13 23.27 -9.68 -34.90
N PRO D 14 24.15 -8.77 -34.47
CA PRO D 14 23.70 -7.61 -33.70
C PRO D 14 22.75 -6.72 -34.49
N GLY D 15 21.79 -6.14 -33.76
CA GLY D 15 20.80 -5.27 -34.36
C GLY D 15 19.59 -5.97 -34.94
N GLU D 16 19.57 -7.29 -34.94
CA GLU D 16 18.45 -8.04 -35.47
C GLU D 16 17.37 -8.23 -34.42
N SER D 17 16.23 -8.77 -34.84
CA SER D 17 15.05 -8.91 -34.00
C SER D 17 14.80 -10.39 -33.70
N LEU D 18 14.47 -10.70 -32.45
CA LEU D 18 14.25 -12.10 -32.10
C LEU D 18 13.03 -12.28 -31.21
N LYS D 19 12.27 -13.34 -31.48
CA LYS D 19 11.16 -13.76 -30.63
C LYS D 19 11.34 -15.23 -30.29
N ILE D 20 11.24 -15.56 -29.01
CA ILE D 20 11.40 -16.93 -28.53
C ILE D 20 10.13 -17.36 -27.81
N SER D 21 9.87 -18.67 -27.81
CA SER D 21 8.59 -19.23 -27.44
C SER D 21 8.74 -20.31 -26.38
N CYS D 22 7.75 -20.38 -25.49
CA CYS D 22 7.62 -21.42 -24.48
C CYS D 22 6.17 -21.91 -24.50
N GLN D 23 5.96 -23.20 -24.76
CA GLN D 23 4.63 -23.76 -24.84
C GLN D 23 4.36 -24.63 -23.61
N GLY D 24 3.16 -24.48 -23.06
CA GLY D 24 2.77 -25.14 -21.82
C GLY D 24 1.78 -26.26 -22.06
N SER D 25 2.00 -27.39 -21.38
CA SER D 25 1.13 -28.55 -21.47
C SER D 25 0.86 -29.07 -20.07
N GLY D 26 -0.36 -29.60 -19.86
CA GLY D 26 -0.72 -30.23 -18.61
C GLY D 26 -1.25 -29.30 -17.54
N TYR D 27 -1.40 -28.02 -17.83
CA TYR D 27 -1.97 -27.07 -16.87
C TYR D 27 -2.79 -26.05 -17.64
N SER D 28 -3.61 -25.30 -16.91
CA SER D 28 -4.36 -24.21 -17.52
C SER D 28 -3.43 -23.02 -17.70
N PHE D 29 -3.10 -22.74 -18.96
CA PHE D 29 -2.18 -21.64 -19.27
C PHE D 29 -2.75 -20.31 -18.76
N THR D 30 -4.07 -20.14 -18.85
CA THR D 30 -4.69 -18.90 -18.41
C THR D 30 -4.65 -18.72 -16.89
N SER D 31 -4.57 -19.82 -16.14
CA SER D 31 -4.70 -19.74 -14.69
C SER D 31 -3.39 -19.35 -14.00
N TYR D 32 -2.24 -19.61 -14.62
CA TYR D 32 -0.94 -19.45 -13.96
C TYR D 32 -0.08 -18.42 -14.69
N TRP D 33 0.58 -17.57 -13.91
CA TRP D 33 1.56 -16.62 -14.45
C TRP D 33 2.74 -17.38 -15.06
N ILE D 34 3.28 -16.85 -16.16
CA ILE D 34 4.43 -17.44 -16.84
C ILE D 34 5.44 -16.33 -17.11
N GLY D 35 6.73 -16.60 -16.82
CA GLY D 35 7.74 -15.56 -16.90
C GLY D 35 9.02 -16.09 -17.53
N TRP D 36 9.95 -15.16 -17.73
CA TRP D 36 11.21 -15.42 -18.40
C TRP D 36 12.38 -15.03 -17.51
N VAL D 37 13.42 -15.86 -17.51
CA VAL D 37 14.62 -15.67 -16.68
C VAL D 37 15.85 -15.77 -17.58
N ARG D 38 16.79 -14.85 -17.38
CA ARG D 38 18.04 -14.85 -18.14
C ARG D 38 19.19 -15.35 -17.28
N GLN D 39 19.95 -16.29 -17.81
CA GLN D 39 21.21 -16.74 -17.22
C GLN D 39 22.33 -16.34 -18.18
N MET D 40 23.09 -15.31 -17.82
CA MET D 40 24.22 -14.92 -18.62
C MET D 40 25.34 -15.96 -18.47
N PRO D 41 26.25 -16.04 -19.44
CA PRO D 41 27.28 -17.08 -19.39
C PRO D 41 28.09 -17.03 -18.11
N GLY D 42 28.15 -18.17 -17.41
CA GLY D 42 28.86 -18.28 -16.16
C GLY D 42 28.31 -17.41 -15.04
N LYS D 43 27.01 -17.12 -15.07
CA LYS D 43 26.39 -16.17 -14.17
C LYS D 43 25.11 -16.76 -13.57
N GLY D 44 24.57 -16.05 -12.58
CA GLY D 44 23.37 -16.49 -11.89
C GLY D 44 22.09 -16.03 -12.57
N LEU D 45 20.97 -16.47 -11.99
CA LEU D 45 19.65 -16.26 -12.59
C LEU D 45 19.15 -14.85 -12.37
N GLU D 46 18.48 -14.30 -13.38
CA GLU D 46 17.87 -12.98 -13.31
C GLU D 46 16.44 -13.07 -13.85
N TRP D 47 15.50 -12.48 -13.13
CA TRP D 47 14.10 -12.45 -13.54
C TRP D 47 13.90 -11.29 -14.51
N MET D 48 13.43 -11.59 -15.72
CA MET D 48 13.13 -10.54 -16.68
C MET D 48 11.71 -10.01 -16.55
N GLY D 49 10.74 -10.90 -16.33
CA GLY D 49 9.36 -10.48 -16.19
C GLY D 49 8.44 -11.68 -16.22
N ILE D 50 7.15 -11.38 -16.02
CA ILE D 50 6.08 -12.38 -16.00
C ILE D 50 4.86 -11.80 -16.71
N ILE D 51 3.97 -12.70 -17.12
CA ILE D 51 2.73 -12.34 -17.79
C ILE D 51 1.64 -13.32 -17.33
N TYR D 52 0.46 -12.78 -17.05
CA TYR D 52 -0.71 -13.59 -16.75
C TYR D 52 -1.50 -13.77 -18.05
N PRO D 53 -1.58 -14.97 -18.60
CA PRO D 53 -2.15 -15.13 -19.94
C PRO D 53 -3.66 -14.97 -19.93
N GLY D 54 -4.18 -14.20 -20.87
CA GLY D 54 -5.61 -14.03 -21.05
C GLY D 54 -6.20 -12.83 -20.36
N GLU D 55 -5.52 -12.29 -19.35
CA GLU D 55 -5.94 -11.04 -18.72
C GLU D 55 -5.04 -9.88 -19.12
N SER D 56 -4.10 -10.11 -20.04
CA SER D 56 -3.26 -9.06 -20.63
C SER D 56 -2.48 -8.28 -19.58
N ASP D 57 -2.05 -8.94 -18.51
CA ASP D 57 -1.22 -8.34 -17.48
C ASP D 57 0.21 -8.79 -17.68
N THR D 58 1.09 -7.85 -18.01
CA THR D 58 2.52 -8.13 -18.15
C THR D 58 3.28 -7.25 -17.18
N ARG D 59 3.99 -7.87 -16.26
CA ARG D 59 4.78 -7.15 -15.26
C ARG D 59 6.25 -7.43 -15.53
N TYR D 60 7.02 -6.37 -15.72
CA TYR D 60 8.43 -6.48 -16.09
C TYR D 60 9.31 -6.23 -14.88
N SER D 61 10.46 -6.90 -14.86
CA SER D 61 11.49 -6.55 -13.88
C SER D 61 12.04 -5.17 -14.18
N SER D 62 12.52 -4.49 -13.13
CA SER D 62 13.02 -3.14 -13.28
C SER D 62 14.16 -3.08 -14.29
N SER D 63 15.04 -4.08 -14.27
CA SER D 63 16.22 -4.06 -15.11
C SER D 63 15.86 -4.15 -16.60
N PHE D 64 14.86 -4.96 -16.93
CA PHE D 64 14.59 -5.30 -18.33
C PHE D 64 13.44 -4.52 -18.95
N GLN D 65 12.79 -3.62 -18.20
CA GLN D 65 11.68 -2.86 -18.77
C GLN D 65 12.19 -1.90 -19.83
N GLY D 66 11.53 -1.88 -20.99
CA GLY D 66 11.91 -1.01 -22.08
C GLY D 66 12.96 -1.57 -23.01
N HIS D 67 13.52 -2.74 -22.71
CA HIS D 67 14.45 -3.41 -23.61
C HIS D 67 13.87 -4.68 -24.23
N VAL D 68 12.82 -5.25 -23.63
CA VAL D 68 12.24 -6.50 -24.10
C VAL D 68 10.71 -6.39 -24.06
N THR D 69 10.06 -7.25 -24.85
CA THR D 69 8.61 -7.36 -24.88
C THR D 69 8.19 -8.80 -24.59
N ILE D 70 7.34 -8.99 -23.61
CA ILE D 70 6.84 -10.31 -23.24
C ILE D 70 5.37 -10.40 -23.63
N SER D 71 5.03 -11.43 -24.39
CA SER D 71 3.69 -11.60 -24.93
C SER D 71 3.22 -13.04 -24.68
N ALA D 72 1.95 -13.30 -24.96
CA ALA D 72 1.41 -14.65 -24.82
C ALA D 72 0.24 -14.84 -25.76
N ASP D 73 0.06 -16.09 -26.18
CA ASP D 73 -1.09 -16.52 -26.96
C ASP D 73 -1.76 -17.67 -26.20
N LYS D 74 -2.96 -17.41 -25.68
CA LYS D 74 -3.71 -18.44 -24.98
C LYS D 74 -4.20 -19.53 -25.93
N SER D 75 -4.40 -19.19 -27.20
CA SER D 75 -4.94 -20.15 -28.15
C SER D 75 -3.98 -21.31 -28.37
N ILE D 76 -2.67 -21.03 -28.42
CA ILE D 76 -1.66 -22.06 -28.56
C ILE D 76 -0.91 -22.30 -27.25
N SER D 77 -1.37 -21.72 -26.16
CA SER D 77 -0.80 -21.94 -24.82
C SER D 77 0.70 -21.66 -24.81
N THR D 78 1.08 -20.52 -25.40
CA THR D 78 2.48 -20.21 -25.62
C THR D 78 2.79 -18.80 -25.12
N ALA D 79 4.03 -18.60 -24.68
CA ALA D 79 4.54 -17.32 -24.21
C ALA D 79 5.77 -16.95 -25.01
N TYR D 80 6.02 -15.65 -25.13
CA TYR D 80 7.04 -15.13 -26.03
C TYR D 80 7.87 -14.05 -25.36
N LEU D 81 9.16 -14.06 -25.67
CA LEU D 81 10.09 -13.00 -25.29
C LEU D 81 10.72 -12.44 -26.56
N GLN D 82 10.67 -11.11 -26.73
CA GLN D 82 11.07 -10.47 -27.97
C GLN D 82 12.06 -9.36 -27.68
N TRP D 83 13.15 -9.35 -28.46
CA TRP D 83 14.13 -8.27 -28.49
C TRP D 83 13.99 -7.52 -29.80
N SER D 84 13.81 -6.20 -29.69
CA SER D 84 13.69 -5.33 -30.85
C SER D 84 15.01 -5.23 -31.61
N SER D 85 16.09 -4.96 -30.89
CA SER D 85 17.44 -4.90 -31.47
C SER D 85 18.38 -5.71 -30.60
N LEU D 86 18.93 -6.78 -31.16
CA LEU D 86 19.80 -7.67 -30.41
C LEU D 86 21.17 -7.04 -30.20
N LYS D 87 21.75 -7.30 -29.03
CA LYS D 87 23.08 -6.81 -28.68
C LYS D 87 23.91 -7.98 -28.18
N ALA D 88 25.23 -7.80 -28.20
CA ALA D 88 26.13 -8.89 -27.80
C ALA D 88 25.92 -9.28 -26.34
N SER D 89 25.66 -8.30 -25.47
CA SER D 89 25.39 -8.61 -24.07
C SER D 89 24.09 -9.39 -23.91
N ASP D 90 23.19 -9.34 -24.89
CA ASP D 90 21.96 -10.12 -24.83
C ASP D 90 22.22 -11.62 -24.95
N THR D 91 23.39 -12.02 -25.43
CA THR D 91 23.74 -13.43 -25.55
C THR D 91 23.73 -14.09 -24.17
N ALA D 92 22.87 -15.10 -24.01
CA ALA D 92 22.69 -15.79 -22.73
C ALA D 92 21.74 -16.95 -22.93
N MET D 93 21.60 -17.75 -21.88
CA MET D 93 20.52 -18.72 -21.80
C MET D 93 19.25 -18.03 -21.33
N TYR D 94 18.12 -18.46 -21.87
CA TYR D 94 16.82 -17.88 -21.53
C TYR D 94 15.85 -19.00 -21.20
N TYR D 95 15.21 -18.89 -20.03
CA TYR D 95 14.39 -19.94 -19.45
C TYR D 95 12.96 -19.43 -19.29
N CYS D 96 11.99 -20.30 -19.51
CA CYS D 96 10.60 -20.00 -19.22
C CYS D 96 10.17 -20.75 -17.97
N ALA D 97 9.56 -20.05 -17.02
CA ALA D 97 9.18 -20.61 -15.74
C ALA D 97 7.76 -20.21 -15.41
N ARG D 98 6.98 -21.17 -14.90
CA ARG D 98 5.62 -20.89 -14.46
C ARG D 98 5.63 -20.61 -12.97
N ILE D 99 5.03 -19.49 -12.57
CA ILE D 99 4.88 -19.17 -11.16
C ILE D 99 3.79 -20.05 -10.58
N ARG D 100 4.10 -20.70 -9.44
CA ARG D 100 3.13 -21.61 -8.83
C ARG D 100 1.88 -20.87 -8.39
N GLY D 101 2.04 -19.69 -7.80
CA GLY D 101 0.88 -18.91 -7.39
C GLY D 101 1.29 -17.85 -6.37
N VAL D 102 0.31 -17.47 -5.55
CA VAL D 102 0.51 -16.49 -4.49
C VAL D 102 -0.01 -17.06 -3.18
N TYR D 103 0.52 -16.56 -2.07
CA TYR D 103 -0.02 -16.83 -0.76
C TYR D 103 0.08 -15.58 0.10
N SER D 104 -0.99 -15.30 0.84
CA SER D 104 -1.07 -14.18 1.77
C SER D 104 -0.80 -12.89 0.99
N SER D 105 0.21 -12.10 1.35
CA SER D 105 0.49 -10.83 0.70
C SER D 105 1.64 -10.91 -0.31
N GLY D 106 2.12 -12.11 -0.64
CA GLY D 106 3.31 -12.24 -1.44
C GLY D 106 3.24 -13.39 -2.43
N TRP D 107 4.28 -13.46 -3.25
CA TRP D 107 4.35 -14.37 -4.38
C TRP D 107 5.06 -15.67 -4.00
N ILE D 108 5.00 -16.63 -4.93
CA ILE D 108 5.72 -17.89 -4.84
C ILE D 108 6.63 -18.00 -6.04
N GLY D 109 7.71 -18.79 -5.90
CA GLY D 109 8.64 -18.99 -6.97
C GLY D 109 8.13 -19.93 -8.04
N GLY D 110 8.92 -20.08 -9.10
CA GLY D 110 8.54 -20.89 -10.24
C GLY D 110 8.69 -22.39 -10.04
N ASP D 111 7.58 -23.11 -10.03
CA ASP D 111 7.62 -24.55 -9.79
C ASP D 111 8.07 -25.34 -11.02
N TYR D 112 7.72 -24.89 -12.23
CA TYR D 112 8.00 -25.64 -13.45
C TYR D 112 8.78 -24.78 -14.43
N TRP D 113 9.78 -25.37 -15.08
CA TRP D 113 10.72 -24.63 -15.91
C TRP D 113 10.88 -25.32 -17.26
N GLY D 114 11.29 -24.53 -18.26
CA GLY D 114 11.58 -25.07 -19.58
C GLY D 114 13.01 -25.56 -19.70
N GLN D 115 13.28 -26.23 -20.83
CA GLN D 115 14.61 -26.76 -21.06
C GLN D 115 15.64 -25.66 -21.26
N GLY D 116 15.21 -24.51 -21.75
CA GLY D 116 16.12 -23.41 -21.99
C GLY D 116 16.40 -23.21 -23.47
N THR D 117 16.61 -21.96 -23.85
CA THR D 117 16.98 -21.59 -25.21
C THR D 117 18.23 -20.73 -25.15
N LEU D 118 19.26 -21.12 -25.89
CA LEU D 118 20.51 -20.37 -25.92
C LEU D 118 20.46 -19.34 -27.05
N VAL D 119 20.65 -18.08 -26.71
CA VAL D 119 20.69 -17.00 -27.69
C VAL D 119 22.11 -16.49 -27.77
N THR D 120 22.73 -16.61 -28.95
CA THR D 120 24.05 -16.09 -29.22
C THR D 120 23.93 -14.99 -30.26
N VAL D 121 24.42 -13.79 -29.93
CA VAL D 121 24.40 -12.66 -30.85
C VAL D 121 25.84 -12.27 -31.15
N SER D 122 26.23 -12.35 -32.41
CA SER D 122 27.63 -12.12 -32.76
C SER D 122 27.77 -11.62 -34.19
N SER D 123 28.83 -10.85 -34.41
CA SER D 123 29.20 -10.42 -35.76
C SER D 123 29.60 -11.61 -36.62
N ALA D 124 30.13 -12.66 -36.01
CA ALA D 124 30.72 -13.76 -36.75
C ALA D 124 29.70 -14.50 -37.59
N SER D 125 30.07 -14.81 -38.83
CA SER D 125 29.30 -15.73 -39.65
C SER D 125 29.71 -17.16 -39.32
N THR D 126 28.80 -18.09 -39.60
CA THR D 126 29.04 -19.49 -39.24
C THR D 126 30.24 -20.04 -40.00
N LYS D 127 31.12 -20.74 -39.27
CA LYS D 127 32.33 -21.30 -39.84
C LYS D 127 32.53 -22.73 -39.34
N GLY D 128 33.01 -23.58 -40.23
CA GLY D 128 33.28 -24.96 -39.88
C GLY D 128 34.53 -25.11 -39.02
N PRO D 129 34.56 -26.17 -38.22
CA PRO D 129 35.73 -26.39 -37.35
C PRO D 129 36.94 -26.86 -38.13
N SER D 130 38.11 -26.52 -37.60
CA SER D 130 39.38 -27.06 -38.06
C SER D 130 39.95 -27.94 -36.95
N VAL D 131 40.20 -29.21 -37.25
CA VAL D 131 40.63 -30.18 -36.25
C VAL D 131 42.10 -30.50 -36.48
N PHE D 132 42.91 -30.27 -35.44
CA PHE D 132 44.34 -30.41 -35.46
C PHE D 132 44.78 -31.41 -34.39
N PRO D 133 45.67 -32.35 -34.72
CA PRO D 133 46.04 -33.37 -33.73
C PRO D 133 46.90 -32.80 -32.61
N LEU D 134 46.68 -33.31 -31.40
CA LEU D 134 47.55 -33.09 -30.24
C LEU D 134 48.26 -34.42 -30.02
N ALA D 135 49.47 -34.52 -30.56
CA ALA D 135 50.12 -35.82 -30.69
C ALA D 135 50.61 -36.35 -29.35
N PRO D 136 50.59 -37.66 -29.15
CA PRO D 136 51.23 -38.24 -27.97
C PRO D 136 52.73 -38.03 -28.00
N SER D 137 53.30 -37.78 -26.83
CA SER D 137 54.73 -37.53 -26.73
C SER D 137 55.51 -38.84 -26.78
N SER D 138 56.72 -38.76 -27.34
CA SER D 138 57.66 -39.88 -27.31
C SER D 138 58.49 -39.80 -26.03
N LYS D 139 57.81 -40.06 -24.92
CA LYS D 139 58.43 -39.94 -23.60
C LYS D 139 59.24 -41.18 -23.23
N GLY D 144 53.55 -44.39 -17.37
CA GLY D 144 53.01 -45.44 -18.21
C GLY D 144 51.71 -45.05 -18.88
N THR D 145 51.23 -43.85 -18.54
CA THR D 145 50.00 -43.30 -19.10
C THR D 145 50.35 -42.07 -19.93
N ALA D 146 49.81 -42.01 -21.14
CA ALA D 146 50.13 -40.94 -22.09
C ALA D 146 48.85 -40.20 -22.47
N ALA D 147 48.97 -38.91 -22.73
CA ALA D 147 47.83 -38.07 -23.09
C ALA D 147 47.88 -37.74 -24.57
N LEU D 148 46.73 -37.85 -25.22
CA LEU D 148 46.58 -37.52 -26.63
C LEU D 148 45.33 -36.67 -26.79
N GLY D 149 45.25 -35.92 -27.89
CA GLY D 149 44.11 -35.04 -27.98
C GLY D 149 43.81 -34.57 -29.38
N CYS D 150 42.71 -33.83 -29.49
CA CYS D 150 42.31 -33.16 -30.71
C CYS D 150 41.89 -31.73 -30.39
N LEU D 151 42.37 -30.79 -31.19
CA LEU D 151 42.10 -29.37 -31.04
C LEU D 151 41.14 -28.94 -32.13
N VAL D 152 39.98 -28.43 -31.74
CA VAL D 152 38.97 -27.95 -32.66
C VAL D 152 38.99 -26.43 -32.58
N LYS D 153 39.25 -25.78 -33.70
CA LYS D 153 39.54 -24.34 -33.68
C LYS D 153 38.76 -23.62 -34.77
N ASP D 154 38.48 -22.35 -34.49
CA ASP D 154 37.90 -21.42 -35.46
C ASP D 154 36.55 -21.91 -35.99
N TYR D 155 35.66 -22.27 -35.05
CA TYR D 155 34.32 -22.70 -35.39
C TYR D 155 33.30 -21.76 -34.75
N PHE D 156 32.23 -21.48 -35.49
CA PHE D 156 31.10 -20.70 -35.02
C PHE D 156 29.89 -21.22 -35.78
N PRO D 157 28.73 -21.38 -35.11
CA PRO D 157 28.52 -21.20 -33.68
C PRO D 157 28.61 -22.51 -32.92
N GLU D 158 28.46 -22.44 -31.59
CA GLU D 158 28.34 -23.65 -30.80
C GLU D 158 26.99 -24.32 -31.11
N PRO D 159 26.90 -25.65 -30.92
CA PRO D 159 27.83 -26.58 -30.28
C PRO D 159 28.72 -27.38 -31.24
N VAL D 160 29.77 -27.97 -30.68
CA VAL D 160 30.59 -28.97 -31.35
C VAL D 160 30.60 -30.21 -30.48
N THR D 161 30.40 -31.38 -31.08
CA THR D 161 30.35 -32.64 -30.36
C THR D 161 31.53 -33.52 -30.76
N VAL D 162 32.25 -34.02 -29.76
CA VAL D 162 33.49 -34.77 -29.98
C VAL D 162 33.36 -36.15 -29.36
N SER D 163 33.78 -37.16 -30.11
CA SER D 163 33.78 -38.56 -29.69
C SER D 163 35.15 -39.15 -30.01
N TRP D 164 35.46 -40.29 -29.40
CA TRP D 164 36.72 -40.98 -29.67
C TRP D 164 36.44 -42.42 -30.08
N ASN D 165 37.02 -42.83 -31.20
CA ASN D 165 36.85 -44.18 -31.75
C ASN D 165 35.37 -44.53 -31.89
N SER D 166 34.58 -43.54 -32.34
CA SER D 166 33.15 -43.72 -32.59
C SER D 166 32.41 -44.20 -31.35
N GLY D 167 32.79 -43.68 -30.19
CA GLY D 167 32.14 -44.01 -28.94
C GLY D 167 32.72 -45.20 -28.21
N ALA D 168 33.66 -45.93 -28.82
CA ALA D 168 34.30 -47.04 -28.12
C ALA D 168 35.13 -46.54 -26.95
N LEU D 169 35.77 -45.38 -27.10
CA LEU D 169 36.62 -44.82 -26.06
C LEU D 169 35.85 -43.70 -25.36
N THR D 170 35.51 -43.93 -24.10
CA THR D 170 34.94 -42.91 -23.23
C THR D 170 35.80 -42.64 -22.01
N SER D 171 36.56 -43.63 -21.54
CA SER D 171 37.36 -43.47 -20.34
C SER D 171 38.57 -42.59 -20.61
N GLY D 172 38.91 -41.75 -19.63
CA GLY D 172 40.01 -40.83 -19.76
C GLY D 172 39.76 -39.66 -20.67
N VAL D 173 38.56 -39.53 -21.24
CA VAL D 173 38.25 -38.48 -22.19
C VAL D 173 37.69 -37.28 -21.42
N HIS D 174 38.37 -36.16 -21.53
CA HIS D 174 37.89 -34.86 -21.06
C HIS D 174 37.76 -33.96 -22.27
N THR D 175 36.54 -33.51 -22.55
CA THR D 175 36.30 -32.55 -23.61
C THR D 175 36.05 -31.20 -22.95
N PHE D 176 36.97 -30.27 -23.16
CA PHE D 176 36.99 -29.02 -22.41
C PHE D 176 35.91 -28.06 -22.89
N PRO D 177 35.45 -27.18 -22.00
CA PRO D 177 34.52 -26.12 -22.44
C PRO D 177 35.16 -25.23 -23.50
N ALA D 178 34.34 -24.79 -24.44
CA ALA D 178 34.82 -23.91 -25.50
C ALA D 178 35.13 -22.53 -24.93
N VAL D 179 36.12 -21.88 -25.53
CA VAL D 179 36.47 -20.50 -25.20
C VAL D 179 36.29 -19.64 -26.45
N LEU D 180 35.97 -18.37 -26.23
CA LEU D 180 35.70 -17.44 -27.31
C LEU D 180 36.95 -16.61 -27.56
N GLN D 181 37.46 -16.67 -28.80
CA GLN D 181 38.66 -15.94 -29.17
C GLN D 181 38.30 -14.55 -29.69
N SER D 182 39.33 -13.71 -29.79
CA SER D 182 39.13 -12.35 -30.31
C SER D 182 38.56 -12.39 -31.72
N SER D 183 38.83 -13.46 -32.46
CA SER D 183 38.27 -13.63 -33.80
C SER D 183 36.75 -13.73 -33.77
N GLY D 184 36.15 -13.98 -32.61
CA GLY D 184 34.75 -14.33 -32.54
C GLY D 184 34.50 -15.78 -32.84
N LEU D 185 35.55 -16.58 -33.01
CA LEU D 185 35.45 -18.00 -33.34
C LEU D 185 35.84 -18.83 -32.13
N TYR D 186 35.04 -19.84 -31.82
CA TYR D 186 35.28 -20.65 -30.65
C TYR D 186 36.34 -21.71 -30.91
N SER D 187 37.02 -22.12 -29.84
CA SER D 187 37.97 -23.22 -29.89
C SER D 187 37.79 -24.08 -28.65
N LEU D 188 38.00 -25.39 -28.84
CA LEU D 188 37.81 -26.40 -27.82
C LEU D 188 38.89 -27.45 -27.97
N SER D 189 39.15 -28.18 -26.88
CA SER D 189 40.12 -29.27 -26.90
C SER D 189 39.52 -30.49 -26.22
N SER D 190 39.72 -31.66 -26.82
CA SER D 190 39.33 -32.92 -26.21
C SER D 190 40.57 -33.80 -26.07
N VAL D 191 40.85 -34.26 -24.86
CA VAL D 191 42.05 -35.05 -24.59
C VAL D 191 41.64 -36.34 -23.89
N VAL D 192 42.42 -37.39 -24.12
CA VAL D 192 42.17 -38.70 -23.53
C VAL D 192 43.50 -39.27 -23.04
N THR D 193 43.45 -39.93 -21.88
CA THR D 193 44.60 -40.63 -21.33
C THR D 193 44.52 -42.11 -21.68
N VAL D 194 45.59 -42.64 -22.26
CA VAL D 194 45.64 -43.99 -22.79
C VAL D 194 46.92 -44.65 -22.29
N PRO D 195 46.98 -45.98 -22.30
CA PRO D 195 48.25 -46.65 -21.96
C PRO D 195 49.33 -46.34 -22.99
N SER D 196 50.56 -46.18 -22.49
CA SER D 196 51.67 -45.87 -23.39
C SER D 196 51.96 -47.02 -24.33
N SER D 197 51.83 -48.26 -23.84
CA SER D 197 51.94 -49.42 -24.71
C SER D 197 50.88 -49.42 -25.79
N SER D 198 49.76 -48.71 -25.57
CA SER D 198 48.66 -48.74 -26.52
C SER D 198 48.97 -47.96 -27.80
N LEU D 199 49.86 -46.95 -27.71
CA LEU D 199 50.01 -46.00 -28.80
C LEU D 199 50.41 -46.68 -30.10
N GLY D 200 51.32 -47.65 -30.03
CA GLY D 200 51.69 -48.38 -31.23
C GLY D 200 50.62 -49.33 -31.71
N THR D 201 49.96 -50.02 -30.78
CA THR D 201 49.03 -51.10 -31.13
C THR D 201 47.58 -50.66 -31.27
N GLN D 202 47.26 -49.42 -30.94
CA GLN D 202 45.87 -48.96 -30.97
C GLN D 202 45.79 -47.68 -31.79
N THR D 203 44.74 -47.58 -32.60
CA THR D 203 44.47 -46.37 -33.38
C THR D 203 43.40 -45.55 -32.68
N TYR D 204 43.72 -44.28 -32.42
CA TYR D 204 42.82 -43.36 -31.75
C TYR D 204 42.41 -42.27 -32.72
N ILE D 205 41.10 -42.15 -32.94
CA ILE D 205 40.52 -41.21 -33.90
C ILE D 205 39.51 -40.35 -33.17
N CYS D 206 39.61 -39.04 -33.34
CA CYS D 206 38.64 -38.09 -32.79
C CYS D 206 37.62 -37.74 -33.86
N ASN D 207 36.35 -37.88 -33.52
CA ASN D 207 35.23 -37.62 -34.41
C ASN D 207 34.52 -36.36 -33.93
N VAL D 208 34.56 -35.31 -34.75
CA VAL D 208 34.04 -34.01 -34.39
C VAL D 208 32.93 -33.64 -35.35
N ASN D 209 31.77 -33.27 -34.80
CA ASN D 209 30.61 -32.89 -35.58
C ASN D 209 30.18 -31.48 -35.20
N HIS D 210 29.99 -30.64 -36.22
CA HIS D 210 29.41 -29.30 -36.12
C HIS D 210 28.17 -29.32 -37.00
N LYS D 211 27.00 -29.39 -36.35
CA LYS D 211 25.75 -29.32 -37.08
C LYS D 211 25.57 -28.02 -37.87
N PRO D 212 25.86 -26.83 -37.33
CA PRO D 212 25.59 -25.60 -38.11
C PRO D 212 26.28 -25.55 -39.47
N SER D 213 27.52 -26.02 -39.56
CA SER D 213 28.26 -26.02 -40.81
C SER D 213 28.16 -27.34 -41.57
N ASN D 214 27.42 -28.32 -41.03
CA ASN D 214 27.34 -29.65 -41.61
C ASN D 214 28.73 -30.26 -41.80
N THR D 215 29.58 -30.08 -40.79
CA THR D 215 30.98 -30.49 -40.92
C THR D 215 31.30 -31.62 -39.96
N LYS D 216 31.77 -32.74 -40.50
CA LYS D 216 32.22 -33.89 -39.73
C LYS D 216 33.67 -34.18 -40.10
N VAL D 217 34.54 -34.23 -39.09
CA VAL D 217 35.96 -34.52 -39.31
C VAL D 217 36.37 -35.62 -38.33
N ASP D 218 36.99 -36.66 -38.87
CA ASP D 218 37.62 -37.71 -38.06
C ASP D 218 39.12 -37.61 -38.26
N LYS D 219 39.85 -37.39 -37.15
CA LYS D 219 41.29 -37.16 -37.19
C LYS D 219 41.99 -38.25 -36.39
N LYS D 220 42.89 -38.97 -37.05
CA LYS D 220 43.76 -39.92 -36.38
C LYS D 220 44.84 -39.17 -35.62
N VAL D 221 45.01 -39.46 -34.33
CA VAL D 221 46.10 -38.91 -33.55
C VAL D 221 47.14 -40.00 -33.38
N GLU D 222 48.34 -39.76 -33.90
CA GLU D 222 49.37 -40.77 -34.00
C GLU D 222 50.67 -40.25 -33.39
N PRO D 223 51.50 -41.15 -32.85
CA PRO D 223 52.80 -40.72 -32.34
C PRO D 223 53.66 -40.11 -33.44
N LYS D 224 54.34 -39.02 -33.10
CA LYS D 224 55.13 -38.30 -34.08
C LYS D 224 56.37 -39.09 -34.48
N SER D 225 56.75 -38.95 -35.75
CA SER D 225 57.85 -39.70 -36.33
C SER D 225 59.07 -38.80 -36.47
N CYS D 226 60.19 -39.24 -35.90
CA CYS D 226 61.42 -38.45 -35.90
C CYS D 226 62.43 -38.97 -36.91
N ASP E 1 14.69 -1.79 -3.88
CA ASP E 1 15.58 -2.89 -4.23
C ASP E 1 15.99 -3.68 -3.00
N ILE E 2 15.85 -5.01 -3.10
CA ILE E 2 16.23 -5.92 -2.04
C ILE E 2 17.40 -6.76 -2.52
N GLN E 3 18.46 -6.80 -1.73
CA GLN E 3 19.68 -7.53 -2.07
C GLN E 3 19.69 -8.86 -1.32
N MET E 4 19.90 -9.95 -2.05
CA MET E 4 19.97 -11.29 -1.49
C MET E 4 21.42 -11.75 -1.53
N THR E 5 21.99 -12.00 -0.35
CA THR E 5 23.40 -12.36 -0.21
C THR E 5 23.50 -13.76 0.38
N GLN E 6 24.24 -14.63 -0.31
CA GLN E 6 24.28 -16.05 0.02
C GLN E 6 25.66 -16.43 0.53
N SER E 7 25.70 -17.10 1.68
CA SER E 7 26.94 -17.62 2.24
C SER E 7 26.77 -19.10 2.57
N PRO E 8 27.73 -19.96 2.18
CA PRO E 8 28.96 -19.61 1.49
C PRO E 8 28.77 -19.46 -0.01
N SER E 9 29.75 -18.90 -0.70
CA SER E 9 29.72 -18.94 -2.16
C SER E 9 30.01 -20.34 -2.68
N SER E 10 30.87 -21.09 -1.99
CA SER E 10 31.18 -22.45 -2.36
C SER E 10 31.46 -23.27 -1.11
N LEU E 11 31.18 -24.56 -1.20
CA LEU E 11 31.53 -25.51 -0.15
C LEU E 11 31.88 -26.84 -0.80
N SER E 12 32.74 -27.60 -0.15
CA SER E 12 33.09 -28.95 -0.56
C SER E 12 32.71 -29.91 0.56
N ALA E 13 31.91 -30.92 0.22
CA ALA E 13 31.34 -31.80 1.23
C ALA E 13 31.35 -33.24 0.73
N SER E 14 31.26 -34.17 1.67
CA SER E 14 31.20 -35.60 1.38
C SER E 14 29.78 -36.11 1.60
N VAL E 15 29.47 -37.23 0.95
CA VAL E 15 28.12 -37.78 1.03
C VAL E 15 27.80 -38.18 2.46
N GLY E 16 26.58 -37.89 2.90
CA GLY E 16 26.16 -38.12 4.27
C GLY E 16 26.42 -36.96 5.19
N ASP E 17 27.04 -35.89 4.71
CA ASP E 17 27.28 -34.71 5.53
C ASP E 17 26.02 -33.86 5.64
N ARG E 18 25.99 -33.03 6.68
CA ARG E 18 24.95 -32.02 6.82
C ARG E 18 25.46 -30.72 6.24
N VAL E 19 24.72 -30.15 5.30
CA VAL E 19 25.13 -28.95 4.58
C VAL E 19 24.15 -27.82 4.93
N THR E 20 24.69 -26.68 5.33
CA THR E 20 23.90 -25.53 5.76
C THR E 20 24.31 -24.32 4.94
N ILE E 21 23.34 -23.71 4.25
CA ILE E 21 23.56 -22.55 3.40
C ILE E 21 22.62 -21.44 3.85
N THR E 22 23.14 -20.22 3.93
CA THR E 22 22.40 -19.09 4.48
C THR E 22 22.15 -18.04 3.40
N CYS E 23 20.94 -17.50 3.39
CA CYS E 23 20.54 -16.41 2.53
C CYS E 23 20.11 -15.24 3.41
N ARG E 24 20.62 -14.05 3.12
CA ARG E 24 20.36 -12.87 3.92
C ARG E 24 19.78 -11.77 3.03
N ALA E 25 18.84 -11.01 3.58
CA ALA E 25 18.10 -10.00 2.83
C ALA E 25 18.39 -8.62 3.39
N SER E 26 18.45 -7.63 2.48
CA SER E 26 18.70 -6.26 2.89
C SER E 26 17.58 -5.74 3.79
N GLN E 27 16.34 -6.06 3.45
CA GLN E 27 15.18 -5.72 4.25
C GLN E 27 14.31 -6.97 4.38
N SER E 28 13.39 -6.93 5.34
CA SER E 28 12.57 -8.10 5.61
C SER E 28 11.76 -8.50 4.38
N ILE E 29 11.85 -9.76 4.00
CA ILE E 29 11.05 -10.33 2.93
C ILE E 29 9.97 -11.26 3.48
N SER E 30 9.77 -11.26 4.80
CA SER E 30 8.74 -12.06 5.48
C SER E 30 9.01 -13.54 5.19
N SER E 31 8.03 -14.31 4.75
CA SER E 31 8.20 -15.73 4.48
C SER E 31 8.52 -16.01 3.01
N TYR E 32 8.54 -14.98 2.17
CA TYR E 32 8.58 -15.17 0.72
C TYR E 32 10.01 -15.36 0.23
N LEU E 33 10.58 -16.49 0.64
CA LEU E 33 11.90 -16.93 0.23
C LEU E 33 11.79 -18.27 -0.47
N ASN E 34 12.50 -18.42 -1.58
CA ASN E 34 12.45 -19.62 -2.40
C ASN E 34 13.86 -20.16 -2.59
N TRP E 35 14.00 -21.49 -2.49
CA TRP E 35 15.27 -22.18 -2.65
C TRP E 35 15.21 -23.05 -3.89
N TYR E 36 16.20 -22.87 -4.77
CA TYR E 36 16.29 -23.54 -6.07
C TYR E 36 17.58 -24.36 -6.15
N GLN E 37 17.50 -25.46 -6.89
CA GLN E 37 18.67 -26.27 -7.24
C GLN E 37 18.85 -26.26 -8.75
N GLN E 38 20.07 -25.95 -9.20
CA GLN E 38 20.42 -26.03 -10.61
C GLN E 38 21.69 -26.84 -10.79
N LYS E 39 21.70 -27.66 -11.84
CA LYS E 39 22.78 -28.54 -12.23
C LYS E 39 23.29 -28.15 -13.63
N PRO E 40 24.58 -28.35 -13.90
CA PRO E 40 25.16 -27.85 -15.16
C PRO E 40 24.45 -28.40 -16.38
N GLY E 41 24.13 -27.50 -17.32
CA GLY E 41 23.40 -27.87 -18.51
C GLY E 41 21.94 -28.15 -18.30
N LYS E 42 21.40 -27.88 -17.11
CA LYS E 42 20.04 -28.21 -16.77
C LYS E 42 19.35 -27.01 -16.15
N ALA E 43 18.02 -27.00 -16.23
CA ALA E 43 17.21 -25.89 -15.75
C ALA E 43 17.12 -25.88 -14.23
N PRO E 44 16.90 -24.70 -13.64
CA PRO E 44 16.70 -24.64 -12.18
C PRO E 44 15.43 -25.37 -11.75
N LYS E 45 15.52 -26.01 -10.58
CA LYS E 45 14.41 -26.76 -10.00
C LYS E 45 14.10 -26.19 -8.63
N LEU E 46 12.81 -25.98 -8.35
CA LEU E 46 12.38 -25.31 -7.12
C LEU E 46 12.29 -26.33 -5.99
N LEU E 47 13.21 -26.25 -5.04
CA LEU E 47 13.18 -27.13 -3.90
C LEU E 47 12.19 -26.65 -2.84
N ILE E 48 12.24 -25.37 -2.48
CA ILE E 48 11.55 -24.87 -1.30
C ILE E 48 10.85 -23.55 -1.62
N TYR E 49 9.66 -23.36 -1.05
CA TYR E 49 8.95 -22.09 -1.10
C TYR E 49 8.41 -21.77 0.29
N ALA E 50 8.08 -20.49 0.51
CA ALA E 50 7.58 -19.99 1.80
C ALA E 50 8.57 -20.25 2.93
N ALA E 51 9.84 -20.40 2.57
CA ALA E 51 11.01 -20.51 3.43
C ALA E 51 11.09 -21.84 4.17
N SER E 52 10.00 -22.59 4.22
CA SER E 52 9.99 -23.86 4.94
C SER E 52 9.13 -24.92 4.28
N SER E 53 8.49 -24.63 3.15
CA SER E 53 7.57 -25.55 2.50
C SER E 53 8.26 -26.18 1.30
N LEU E 54 8.21 -27.50 1.23
CA LEU E 54 8.91 -28.25 0.21
C LEU E 54 8.00 -28.46 -0.99
N GLN E 55 8.53 -28.22 -2.19
CA GLN E 55 7.81 -28.51 -3.41
C GLN E 55 7.63 -30.03 -3.56
N SER E 56 6.57 -30.42 -4.26
CA SER E 56 6.30 -31.83 -4.47
C SER E 56 7.48 -32.51 -5.17
N GLY E 57 7.81 -33.71 -4.71
CA GLY E 57 8.94 -34.44 -5.25
C GLY E 57 10.28 -34.09 -4.65
N VAL E 58 10.32 -33.25 -3.64
CA VAL E 58 11.58 -32.83 -3.00
C VAL E 58 11.74 -33.62 -1.70
N PRO E 59 12.87 -34.29 -1.48
CA PRO E 59 13.01 -35.16 -0.31
C PRO E 59 13.07 -34.38 1.00
N SER E 60 12.70 -35.07 2.09
CA SER E 60 12.68 -34.46 3.42
C SER E 60 14.06 -34.01 3.87
N ARG E 61 15.14 -34.59 3.33
CA ARG E 61 16.48 -34.17 3.75
C ARG E 61 16.70 -32.69 3.50
N PHE E 62 16.10 -32.14 2.44
CA PHE E 62 16.08 -30.71 2.25
C PHE E 62 15.10 -30.06 3.23
N SER E 63 15.56 -29.01 3.90
CA SER E 63 14.76 -28.33 4.91
C SER E 63 15.02 -26.84 4.83
N GLY E 64 14.00 -26.06 5.15
CA GLY E 64 14.12 -24.61 5.11
C GLY E 64 13.67 -23.96 6.40
N SER E 65 14.35 -22.89 6.77
CA SER E 65 14.07 -22.18 8.00
C SER E 65 14.35 -20.71 7.80
N GLY E 66 13.79 -19.88 8.67
CA GLY E 66 14.13 -18.47 8.67
C GLY E 66 12.99 -17.52 8.40
N SER E 67 13.21 -16.26 8.72
CA SER E 67 12.20 -15.23 8.57
C SER E 67 12.88 -13.88 8.42
N GLY E 68 12.09 -12.88 8.01
CA GLY E 68 12.56 -11.52 7.90
C GLY E 68 13.81 -11.37 7.06
N THR E 69 14.93 -11.10 7.72
CA THR E 69 16.18 -10.88 7.01
C THR E 69 16.98 -12.15 6.76
N ASP E 70 16.84 -13.18 7.61
CA ASP E 70 17.76 -14.31 7.59
C ASP E 70 17.01 -15.61 7.32
N PHE E 71 17.58 -16.44 6.43
CA PHE E 71 17.00 -17.71 6.03
C PHE E 71 18.11 -18.73 5.84
N THR E 72 17.76 -20.01 5.96
CA THR E 72 18.72 -21.09 5.91
C THR E 72 18.11 -22.32 5.23
N LEU E 73 18.88 -22.92 4.33
CA LEU E 73 18.55 -24.20 3.70
C LEU E 73 19.54 -25.25 4.18
N THR E 74 19.02 -26.40 4.60
CA THR E 74 19.84 -27.46 5.16
C THR E 74 19.55 -28.79 4.48
N ILE E 75 20.61 -29.52 4.16
CA ILE E 75 20.53 -30.90 3.67
C ILE E 75 21.07 -31.80 4.77
N SER E 76 20.19 -32.64 5.33
CA SER E 76 20.53 -33.41 6.52
C SER E 76 21.58 -34.48 6.22
N SER E 77 21.39 -35.23 5.14
CA SER E 77 22.37 -36.21 4.68
C SER E 77 22.61 -35.94 3.19
N LEU E 78 23.80 -35.45 2.87
CA LEU E 78 24.12 -35.13 1.48
C LEU E 78 24.14 -36.41 0.65
N GLN E 79 23.64 -36.28 -0.58
CA GLN E 79 23.49 -37.40 -1.50
C GLN E 79 24.22 -37.11 -2.80
N PRO E 80 24.58 -38.13 -3.57
CA PRO E 80 25.29 -37.88 -4.83
C PRO E 80 24.50 -36.97 -5.77
N GLU E 81 23.18 -37.06 -5.73
CA GLU E 81 22.33 -36.21 -6.55
C GLU E 81 22.35 -34.75 -6.09
N ASP E 82 22.80 -34.48 -4.86
CA ASP E 82 22.64 -33.16 -4.26
C ASP E 82 23.85 -32.24 -4.48
N PHE E 83 24.86 -32.68 -5.22
CA PHE E 83 26.00 -31.81 -5.54
C PHE E 83 25.61 -30.93 -6.71
N ALA E 84 25.29 -29.67 -6.44
CA ALA E 84 24.81 -28.75 -7.46
C ALA E 84 24.90 -27.33 -6.91
N THR E 85 24.60 -26.36 -7.77
CA THR E 85 24.54 -24.97 -7.33
C THR E 85 23.13 -24.67 -6.82
N TYR E 86 23.07 -23.91 -5.72
CA TYR E 86 21.81 -23.63 -5.05
C TYR E 86 21.62 -22.12 -4.95
N TYR E 87 20.39 -21.68 -5.21
CA TYR E 87 20.07 -20.26 -5.29
C TYR E 87 18.91 -19.93 -4.35
N CYS E 88 18.92 -18.69 -3.83
CA CYS E 88 17.83 -18.16 -3.04
C CYS E 88 17.23 -16.95 -3.75
N GLN E 89 15.90 -16.88 -3.77
CA GLN E 89 15.17 -15.82 -4.46
C GLN E 89 14.07 -15.28 -3.58
N GLN E 90 13.80 -13.98 -3.70
CA GLN E 90 12.77 -13.32 -2.92
C GLN E 90 11.52 -13.09 -3.77
N SER E 91 10.36 -13.42 -3.21
CA SER E 91 9.08 -13.21 -3.89
C SER E 91 8.17 -12.27 -3.10
N TYR E 92 8.68 -11.65 -2.05
CA TYR E 92 7.88 -10.71 -1.25
C TYR E 92 7.51 -9.48 -2.06
N SER E 93 8.44 -8.97 -2.85
CA SER E 93 8.26 -7.71 -3.56
C SER E 93 7.36 -7.90 -4.78
N THR E 94 7.12 -6.81 -5.48
CA THR E 94 6.50 -6.88 -6.79
C THR E 94 7.44 -7.64 -7.73
N PRO E 95 6.91 -8.26 -8.79
CA PRO E 95 7.78 -8.97 -9.73
C PRO E 95 8.90 -8.12 -10.30
N ARG E 96 8.70 -6.79 -10.34
CA ARG E 96 9.74 -5.88 -10.82
C ARG E 96 11.02 -6.00 -10.00
N GLN E 97 10.89 -6.07 -8.68
CA GLN E 97 12.04 -6.03 -7.78
C GLN E 97 12.47 -7.41 -7.29
N TRP E 98 11.93 -8.48 -7.85
CA TRP E 98 12.35 -9.83 -7.48
C TRP E 98 13.84 -10.00 -7.72
N THR E 99 14.53 -10.62 -6.76
CA THR E 99 15.97 -10.77 -6.84
C THR E 99 16.41 -12.18 -6.43
N PHE E 100 17.53 -12.61 -7.01
CA PHE E 100 18.17 -13.89 -6.75
C PHE E 100 19.46 -13.68 -5.97
N GLY E 101 19.89 -14.72 -5.27
CA GLY E 101 21.20 -14.71 -4.66
C GLY E 101 22.28 -15.13 -5.65
N GLN E 102 23.53 -14.86 -5.27
CA GLN E 102 24.65 -15.24 -6.12
C GLN E 102 24.76 -16.76 -6.26
N GLY E 103 24.39 -17.49 -5.22
CA GLY E 103 24.37 -18.94 -5.28
C GLY E 103 25.53 -19.57 -4.54
N THR E 104 25.30 -20.79 -4.06
CA THR E 104 26.32 -21.59 -3.39
C THR E 104 26.52 -22.87 -4.19
N LYS E 105 27.78 -23.15 -4.53
CA LYS E 105 28.13 -24.39 -5.22
C LYS E 105 28.52 -25.44 -4.20
N VAL E 106 27.87 -26.60 -4.27
CA VAL E 106 28.17 -27.74 -3.40
C VAL E 106 28.95 -28.74 -4.22
N GLU E 107 30.17 -29.06 -3.77
CA GLU E 107 31.08 -29.91 -4.51
C GLU E 107 31.53 -31.06 -3.63
N ILE E 108 32.01 -32.13 -4.28
CA ILE E 108 32.46 -33.32 -3.58
C ILE E 108 33.85 -33.09 -3.03
N LYS E 109 34.04 -33.35 -1.74
CA LYS E 109 35.35 -33.27 -1.14
C LYS E 109 36.20 -34.47 -1.57
N ARG E 110 37.48 -34.23 -1.79
CA ARG E 110 38.38 -35.27 -2.27
C ARG E 110 39.76 -35.05 -1.67
N THR E 111 40.53 -36.14 -1.56
CA THR E 111 41.92 -36.02 -1.17
C THR E 111 42.71 -35.30 -2.26
N VAL E 112 43.74 -34.55 -1.84
CA VAL E 112 44.49 -33.75 -2.79
C VAL E 112 45.17 -34.65 -3.81
N ALA E 113 45.04 -34.31 -5.09
CA ALA E 113 45.68 -35.02 -6.17
C ALA E 113 46.48 -34.04 -7.01
N ALA E 114 47.77 -34.33 -7.21
CA ALA E 114 48.60 -33.47 -8.01
C ALA E 114 48.20 -33.55 -9.48
N PRO E 115 48.28 -32.44 -10.21
CA PRO E 115 47.97 -32.48 -11.64
C PRO E 115 49.00 -33.28 -12.42
N SER E 116 48.51 -33.97 -13.45
CA SER E 116 49.39 -34.62 -14.42
C SER E 116 49.56 -33.67 -15.60
N VAL E 117 50.80 -33.30 -15.90
CA VAL E 117 51.09 -32.19 -16.80
C VAL E 117 51.64 -32.72 -18.11
N PHE E 118 51.03 -32.29 -19.21
CA PHE E 118 51.41 -32.70 -20.55
C PHE E 118 51.49 -31.48 -21.45
N ILE E 119 52.51 -31.42 -22.30
CA ILE E 119 52.60 -30.34 -23.28
C ILE E 119 52.54 -30.95 -24.68
N PHE E 120 51.67 -30.38 -25.51
CA PHE E 120 51.50 -30.78 -26.90
C PHE E 120 52.03 -29.67 -27.79
N PRO E 121 53.03 -29.99 -28.61
CA PRO E 121 53.60 -29.02 -29.55
C PRO E 121 52.63 -28.70 -30.67
N PRO E 122 52.80 -27.57 -31.34
CA PRO E 122 51.92 -27.24 -32.47
C PRO E 122 52.00 -28.28 -33.57
N SER E 123 50.84 -28.62 -34.12
CA SER E 123 50.78 -29.54 -35.25
C SER E 123 51.24 -28.84 -36.52
N ASP E 124 51.86 -29.62 -37.42
CA ASP E 124 52.35 -29.06 -38.67
C ASP E 124 51.20 -28.57 -39.55
N GLU E 125 50.08 -29.30 -39.53
CA GLU E 125 48.94 -28.92 -40.37
C GLU E 125 48.42 -27.53 -40.00
N GLN E 126 48.33 -27.23 -38.70
CA GLN E 126 47.95 -25.89 -38.29
C GLN E 126 49.00 -24.87 -38.70
N LEU E 127 50.29 -25.24 -38.61
CA LEU E 127 51.35 -24.33 -38.99
C LEU E 127 51.23 -23.91 -40.45
N LYS E 128 50.82 -24.84 -41.31
CA LYS E 128 50.57 -24.47 -42.70
C LYS E 128 49.48 -23.41 -42.81
N SER E 129 48.49 -23.46 -41.93
CA SER E 129 47.38 -22.50 -41.96
C SER E 129 47.77 -21.12 -41.46
N GLY E 130 48.94 -20.97 -40.86
CA GLY E 130 49.43 -19.66 -40.44
C GLY E 130 49.31 -19.35 -38.97
N THR E 131 48.79 -20.26 -38.15
CA THR E 131 48.68 -20.06 -36.72
C THR E 131 49.29 -21.26 -36.00
N ALA E 132 49.83 -21.01 -34.80
CA ALA E 132 50.43 -22.04 -33.97
C ALA E 132 49.73 -22.07 -32.62
N SER E 133 49.28 -23.25 -32.23
CA SER E 133 48.66 -23.45 -30.93
C SER E 133 49.48 -24.44 -30.12
N VAL E 134 49.88 -24.04 -28.92
CA VAL E 134 50.65 -24.88 -28.01
C VAL E 134 49.77 -25.18 -26.81
N VAL E 135 49.65 -26.45 -26.44
CA VAL E 135 48.66 -26.84 -25.43
C VAL E 135 49.37 -27.42 -24.22
N CYS E 136 48.95 -26.98 -23.02
CA CYS E 136 49.37 -27.57 -21.77
C CYS E 136 48.16 -28.10 -21.04
N LEU E 137 48.22 -29.36 -20.60
CA LEU E 137 47.11 -30.05 -19.97
C LEU E 137 47.49 -30.41 -18.54
N LEU E 138 46.63 -30.02 -17.60
CA LEU E 138 46.69 -30.45 -16.21
C LEU E 138 45.55 -31.43 -16.02
N ASN E 139 45.87 -32.67 -15.65
CA ASN E 139 44.88 -33.74 -15.71
C ASN E 139 44.65 -34.35 -14.35
N ASN E 140 43.37 -34.58 -14.04
CA ASN E 140 42.90 -35.29 -12.86
C ASN E 140 43.52 -34.73 -11.58
N PHE E 141 43.28 -33.45 -11.35
CA PHE E 141 43.84 -32.75 -10.20
C PHE E 141 42.73 -32.23 -9.29
N TYR E 142 42.96 -32.36 -7.99
CA TYR E 142 42.14 -31.77 -6.94
C TYR E 142 43.08 -31.16 -5.91
N PRO E 143 42.84 -29.93 -5.44
CA PRO E 143 41.70 -29.06 -5.73
C PRO E 143 41.73 -28.33 -7.07
N ARG E 144 40.71 -27.49 -7.28
CA ARG E 144 40.52 -26.81 -8.56
C ARG E 144 41.61 -25.79 -8.84
N GLU E 145 42.15 -25.17 -7.80
CA GLU E 145 43.07 -24.06 -7.99
C GLU E 145 44.39 -24.55 -8.56
N ALA E 146 44.83 -23.91 -9.65
CA ALA E 146 46.09 -24.25 -10.28
C ALA E 146 46.59 -23.03 -11.04
N LYS E 147 47.90 -22.84 -11.05
CA LYS E 147 48.51 -21.71 -11.75
C LYS E 147 49.37 -22.26 -12.88
N VAL E 148 49.11 -21.79 -14.10
CA VAL E 148 49.86 -22.23 -15.28
C VAL E 148 50.57 -21.01 -15.88
N GLN E 149 51.84 -21.19 -16.22
CA GLN E 149 52.69 -20.13 -16.73
C GLN E 149 53.34 -20.60 -18.02
N TRP E 150 53.25 -19.78 -19.07
CA TRP E 150 53.87 -20.06 -20.34
C TRP E 150 55.17 -19.27 -20.44
N LYS E 151 56.29 -19.97 -20.61
CA LYS E 151 57.59 -19.33 -20.77
C LYS E 151 58.16 -19.70 -22.13
N VAL E 152 58.51 -18.68 -22.91
CA VAL E 152 59.06 -18.85 -24.25
C VAL E 152 60.48 -18.31 -24.25
N ASP E 153 61.46 -19.19 -24.50
CA ASP E 153 62.87 -18.86 -24.31
C ASP E 153 63.09 -18.24 -22.94
N ASN E 154 62.46 -18.84 -21.92
CA ASN E 154 62.52 -18.37 -20.54
C ASN E 154 62.05 -16.92 -20.41
N ALA E 155 61.05 -16.55 -21.21
CA ALA E 155 60.43 -15.24 -21.12
C ALA E 155 58.95 -15.42 -20.79
N LEU E 156 58.49 -14.72 -19.75
CA LEU E 156 57.12 -14.85 -19.32
C LEU E 156 56.16 -14.28 -20.36
N GLN E 157 55.04 -14.96 -20.56
CA GLN E 157 54.07 -14.63 -21.58
C GLN E 157 52.75 -14.20 -20.92
N SER E 158 52.19 -13.09 -21.39
CA SER E 158 50.93 -12.58 -20.87
C SER E 158 50.04 -12.12 -22.01
N GLY E 159 48.75 -12.45 -21.92
CA GLY E 159 47.78 -12.04 -22.91
C GLY E 159 47.71 -12.91 -24.14
N ASN E 160 48.54 -13.95 -24.24
CA ASN E 160 48.56 -14.85 -25.39
C ASN E 160 47.96 -16.21 -25.08
N SER E 161 47.34 -16.37 -23.91
CA SER E 161 46.91 -17.68 -23.44
C SER E 161 45.45 -17.64 -23.01
N GLN E 162 44.78 -18.78 -23.17
CA GLN E 162 43.41 -18.95 -22.70
C GLN E 162 43.28 -20.28 -21.97
N GLU E 163 42.40 -20.31 -20.96
CA GLU E 163 42.26 -21.46 -20.08
C GLU E 163 40.82 -21.96 -20.05
N SER E 164 40.68 -23.28 -19.92
CA SER E 164 39.38 -23.93 -19.77
C SER E 164 39.51 -25.00 -18.69
N VAL E 165 38.52 -25.09 -17.81
CA VAL E 165 38.53 -26.02 -16.69
C VAL E 165 37.30 -26.92 -16.77
N THR E 166 37.50 -28.22 -16.60
CA THR E 166 36.41 -29.18 -16.60
C THR E 166 35.64 -29.12 -15.29
N GLU E 167 34.37 -29.54 -15.35
CA GLU E 167 33.61 -29.80 -14.13
C GLU E 167 34.10 -31.10 -13.51
N GLN E 168 33.79 -31.28 -12.22
CA GLN E 168 34.31 -32.40 -11.47
C GLN E 168 33.90 -33.72 -12.10
N ASP E 169 34.87 -34.62 -12.24
CA ASP E 169 34.62 -35.92 -12.86
C ASP E 169 33.68 -36.74 -11.99
N SER E 170 32.77 -37.45 -12.64
CA SER E 170 31.79 -38.25 -11.91
C SER E 170 32.45 -39.37 -11.12
N LYS E 171 33.43 -40.04 -11.72
CA LYS E 171 34.04 -41.20 -11.08
C LYS E 171 35.02 -40.82 -9.99
N ASP E 172 35.89 -39.84 -10.25
CA ASP E 172 36.99 -39.55 -9.35
C ASP E 172 36.90 -38.21 -8.65
N SER E 173 35.93 -37.36 -8.99
CA SER E 173 35.74 -36.06 -8.36
C SER E 173 36.98 -35.18 -8.48
N THR E 174 37.60 -35.17 -9.66
CA THR E 174 38.74 -34.29 -9.92
C THR E 174 38.46 -33.38 -11.11
N TYR E 175 39.34 -32.40 -11.27
CA TYR E 175 39.24 -31.37 -12.29
C TYR E 175 40.38 -31.52 -13.30
N SER E 176 40.10 -31.19 -14.56
CA SER E 176 41.10 -31.17 -15.61
C SER E 176 41.08 -29.81 -16.30
N LEU E 177 42.26 -29.28 -16.60
CA LEU E 177 42.44 -27.93 -17.13
C LEU E 177 43.25 -27.99 -18.43
N SER E 178 42.90 -27.12 -19.36
CA SER E 178 43.62 -26.93 -20.61
C SER E 178 44.02 -25.47 -20.73
N SER E 179 45.28 -25.22 -21.07
CA SER E 179 45.76 -23.89 -21.40
C SER E 179 46.30 -23.91 -22.82
N THR E 180 45.83 -22.98 -23.64
CA THR E 180 46.24 -22.90 -25.03
C THR E 180 46.90 -21.56 -25.30
N LEU E 181 48.11 -21.61 -25.85
CA LEU E 181 48.88 -20.43 -26.23
C LEU E 181 48.82 -20.31 -27.75
N THR E 182 48.32 -19.17 -28.24
CA THR E 182 48.13 -18.95 -29.66
C THR E 182 49.13 -17.91 -30.13
N LEU E 183 49.97 -18.29 -31.08
CA LEU E 183 51.04 -17.44 -31.58
C LEU E 183 51.07 -17.53 -33.11
N SER E 184 51.74 -16.57 -33.73
CA SER E 184 51.91 -16.62 -35.17
C SER E 184 52.95 -17.68 -35.54
N LYS E 185 52.82 -18.21 -36.76
CA LYS E 185 53.84 -19.11 -37.25
C LYS E 185 55.21 -18.44 -37.22
N ALA E 186 55.28 -17.17 -37.64
CA ALA E 186 56.55 -16.44 -37.65
C ALA E 186 57.15 -16.32 -36.25
N ASP E 187 56.33 -16.02 -35.25
CA ASP E 187 56.83 -15.97 -33.88
C ASP E 187 57.20 -17.35 -33.36
N TYR E 188 56.48 -18.39 -33.82
CA TYR E 188 56.81 -19.75 -33.42
C TYR E 188 58.19 -20.15 -33.93
N GLU E 189 58.49 -19.84 -35.19
CA GLU E 189 59.84 -20.06 -35.71
C GLU E 189 60.88 -19.24 -34.97
N LYS E 190 60.47 -18.08 -34.45
CA LYS E 190 61.43 -17.15 -33.86
C LYS E 190 62.06 -17.71 -32.59
N HIS E 191 61.34 -18.56 -31.87
CA HIS E 191 61.74 -18.96 -30.52
C HIS E 191 61.82 -20.47 -30.39
N LYS E 192 62.82 -20.94 -29.64
CA LYS E 192 63.13 -22.38 -29.57
C LYS E 192 62.32 -23.08 -28.49
N VAL E 193 62.31 -22.55 -27.27
CA VAL E 193 61.87 -23.28 -26.09
C VAL E 193 60.48 -22.82 -25.69
N TYR E 194 59.55 -23.77 -25.55
CA TYR E 194 58.21 -23.49 -25.06
C TYR E 194 57.97 -24.34 -23.83
N ALA E 195 57.62 -23.70 -22.72
CA ALA E 195 57.56 -24.38 -21.43
C ALA E 195 56.27 -24.01 -20.70
N CYS E 196 55.70 -24.98 -20.00
CA CYS E 196 54.53 -24.79 -19.17
C CYS E 196 54.89 -25.13 -17.73
N GLU E 197 54.73 -24.17 -16.83
CA GLU E 197 55.06 -24.30 -15.43
C GLU E 197 53.78 -24.32 -14.60
N VAL E 198 53.64 -25.32 -13.74
CA VAL E 198 52.40 -25.62 -13.06
C VAL E 198 52.62 -25.55 -11.56
N THR E 199 51.73 -24.82 -10.87
CA THR E 199 51.72 -24.69 -9.42
C THR E 199 50.38 -25.20 -8.89
N HIS E 200 50.47 -26.13 -7.93
CA HIS E 200 49.29 -26.74 -7.33
C HIS E 200 49.65 -27.16 -5.92
N GLN E 201 48.62 -27.33 -5.08
CA GLN E 201 48.85 -27.72 -3.70
C GLN E 201 49.50 -29.10 -3.60
N GLY E 202 49.10 -30.01 -4.49
CA GLY E 202 49.65 -31.36 -4.45
C GLY E 202 51.13 -31.43 -4.81
N LEU E 203 51.60 -30.49 -5.63
CA LEU E 203 53.00 -30.46 -6.03
C LEU E 203 53.80 -29.61 -5.05
N SER E 204 54.85 -30.21 -4.49
CA SER E 204 55.74 -29.45 -3.60
C SER E 204 56.48 -28.36 -4.37
N SER E 205 56.93 -28.67 -5.58
CA SER E 205 57.63 -27.73 -6.43
C SER E 205 56.90 -27.58 -7.76
N PRO E 206 56.90 -26.39 -8.35
CA PRO E 206 56.28 -26.22 -9.67
C PRO E 206 56.88 -27.18 -10.67
N VAL E 207 56.03 -27.79 -11.48
CA VAL E 207 56.47 -28.76 -12.48
C VAL E 207 56.42 -28.10 -13.85
N THR E 208 57.53 -28.16 -14.56
CA THR E 208 57.64 -27.54 -15.88
C THR E 208 57.83 -28.64 -16.91
N LYS E 209 56.94 -28.67 -17.89
CA LYS E 209 57.07 -29.55 -19.04
C LYS E 209 57.30 -28.68 -20.27
N SER E 210 58.34 -29.01 -21.03
CA SER E 210 58.84 -28.11 -22.07
C SER E 210 59.21 -28.91 -23.31
N PHE E 211 59.16 -28.22 -24.45
CA PHE E 211 59.66 -28.77 -25.69
C PHE E 211 60.48 -27.73 -26.43
N ASN E 212 61.53 -28.19 -27.10
CA ASN E 212 62.36 -27.36 -27.95
C ASN E 212 62.02 -27.69 -29.40
N ARG E 213 61.57 -26.68 -30.14
CA ARG E 213 61.24 -26.88 -31.55
C ARG E 213 62.48 -27.32 -32.34
N GLY E 214 63.63 -26.72 -32.04
CA GLY E 214 64.86 -27.13 -32.73
C GLY E 214 65.40 -28.46 -32.25
N GLU E 215 65.39 -28.69 -30.92
CA GLU E 215 65.92 -29.95 -30.39
C GLU E 215 65.09 -31.14 -30.82
N CYS E 216 63.77 -30.96 -30.93
CA CYS E 216 62.90 -31.99 -31.47
C CYS E 216 61.75 -31.37 -32.25
C1 NAG F . -2.02 -19.65 2.54
C2 NAG F . -2.77 -20.36 3.68
C3 NAG F . -2.02 -20.16 5.00
C4 NAG F . -0.55 -20.53 4.87
C5 NAG F . 0.09 -19.87 3.65
C6 NAG F . 1.47 -20.40 3.36
C7 NAG F . -5.17 -20.67 4.05
C8 NAG F . -6.51 -20.00 4.15
N2 NAG F . -4.13 -19.87 3.79
O3 NAG F . -2.62 -20.97 5.99
O4 NAG F . 0.14 -20.08 6.03
O5 NAG F . -0.69 -20.13 2.47
O6 NAG F . 1.46 -21.82 3.31
O7 NAG F . -5.04 -21.88 4.18
C1 NAG F . 0.56 -21.15 6.89
C2 NAG F . 1.77 -20.64 7.68
C3 NAG F . 2.22 -21.69 8.70
C4 NAG F . 1.05 -22.15 9.56
C5 NAG F . -0.10 -22.59 8.68
C6 NAG F . -1.35 -22.97 9.45
C7 NAG F . 3.14 -19.05 6.40
C8 NAG F . 4.30 -18.89 5.47
N2 NAG F . 2.86 -20.31 6.79
O3 NAG F . 3.25 -21.14 9.52
O4 NAG F . 1.47 -23.23 10.39
O5 NAG F . -0.48 -21.53 7.79
O6 NAG F . -1.93 -21.83 10.09
O7 NAG F . 2.47 -18.10 6.80
C1 BMA F . 1.19 -22.94 11.78
C2 BMA F . 1.10 -24.30 12.52
C3 BMA F . 0.82 -24.06 14.00
C4 BMA F . 1.73 -22.98 14.62
C5 BMA F . 1.86 -21.73 13.71
C6 BMA F . 2.91 -20.76 14.20
O2 BMA F . 2.34 -24.98 12.44
O3 BMA F . 0.92 -25.27 14.74
O4 BMA F . 1.22 -22.59 15.88
O5 BMA F . 2.20 -22.14 12.38
O6 BMA F . 4.13 -21.46 14.35
C1 FUC F . 2.26 -22.31 2.22
C2 FUC F . 2.17 -23.84 2.29
C3 FUC F . 0.71 -24.25 2.07
C4 FUC F . 0.24 -23.80 0.68
C5 FUC F . 0.48 -22.28 0.50
C6 FUC F . 0.35 -21.84 -0.95
O2 FUC F . 2.67 -24.35 3.50
O3 FUC F . 0.61 -25.68 2.12
O4 FUC F . 0.90 -24.53 -0.33
O5 FUC F . 1.80 -21.84 0.95
#